data_8S6Z
#
_entry.id   8S6Z
#
_cell.length_a   76.874
_cell.length_b   117.939
_cell.length_c   145.719
_cell.angle_alpha   90
_cell.angle_beta   90
_cell.angle_gamma   90
#
_symmetry.space_group_name_H-M   'P 21 21 21'
#
loop_
_entity.id
_entity.type
_entity.pdbx_description
1 polymer 'Heavy chain Fab fragment of AI3 antibody'
2 polymer 'Light chain of AI3 antibody'
3 polymer 'T-cell-specific surface glycoprotein CD28'
4 branched 2-acetamido-2-deoxy-beta-D-glucopyranose-(1-4)-2-acetamido-2-deoxy-beta-D-glucopyranose
5 non-polymer IMIDAZOLE
6 non-polymer GLYCEROL
7 non-polymer 'ZINC ION'
8 non-polymer 2-acetamido-2-deoxy-beta-D-glucopyranose
9 water water
#
loop_
_entity_poly.entity_id
_entity_poly.type
_entity_poly.pdbx_seq_one_letter_code
_entity_poly.pdbx_strand_id
1 'polypeptide(L)'
;EVQLLESGGGLVQPGGSLRLSCAASGFTFSSYAMSWVRQAPGKGLEWVSAISGSGGSTYYADSVKGRFTISRDNSKNTLY
LQMNSLRAEDTAVYYCAKSYGAFDYWGQGTLVTVSSASTKGPSVFPLAPSSKSTSGGTAALGCLVKDYFPEPVTVSWNSG
ALTSGVHTFPAVLQSSGLYSLSSVVTVPSSSLGTQTYICNVNHKPSNTKVDKRVEPKSCDKTH
;
A,D
2 'polypeptide(L)'
;DIVMTQSPDSLAVSLGERATINCKSSQSVLYSSNNKNYLAWYQQKPGQPPKLLIYWASTRESGVPDRFSGSGSGTDFTLT
ISSLQAEDVAVYYCQQNLRPPETFGQGTKVEIKRTVAAPSVFIFPPSDEQLKSGTASVVCLLNNFYPREAKVQWKVDNAL
QSGNSQESVTEQDSKDSTYSLSSTLTLSKADYEKHKVYACEVTHQGLSSPVTKSFNRGEC
;
B,E
3 'polypeptide(L)'
;NKILVKQSPMLVAYDNAVNLSCKYSYNLFSREFRASLHKGLDSAVEVCVVYGNYSQQLQVYSKTGFNCDGKLGNESVTFY
LQNLYVNQTDIYFCKIEVMYPPPYLDNEKSNGTIIHVKGKHLCPSPLFPGPSKP
;
C,F
#
# COMPACT_ATOMS: atom_id res chain seq x y z
N GLU A 1 -11.23 -7.63 -15.60
CA GLU A 1 -11.07 -6.52 -14.61
C GLU A 1 -12.14 -5.46 -14.90
N VAL A 2 -13.00 -5.28 -13.90
CA VAL A 2 -13.97 -4.20 -13.92
C VAL A 2 -13.25 -2.88 -13.66
N GLN A 3 -13.57 -1.85 -14.45
CA GLN A 3 -13.00 -0.53 -14.20
C GLN A 3 -14.13 0.49 -14.32
N LEU A 4 -14.12 1.47 -13.40
CA LEU A 4 -14.92 2.67 -13.53
C LEU A 4 -13.99 3.88 -13.49
N LEU A 5 -14.04 4.74 -14.51
CA LEU A 5 -13.18 5.91 -14.52
C LEU A 5 -13.98 7.22 -14.62
N GLU A 6 -13.96 8.04 -13.56
CA GLU A 6 -14.63 9.34 -13.54
C GLU A 6 -13.75 10.41 -14.18
N SER A 7 -14.40 11.46 -14.68
CA SER A 7 -13.75 12.62 -15.30
C SER A 7 -14.74 13.78 -15.32
N GLY A 8 -14.26 15.00 -15.65
CA GLY A 8 -15.12 16.15 -15.83
C GLY A 8 -15.18 17.10 -14.62
N GLY A 9 -14.49 16.71 -13.52
CA GLY A 9 -14.42 17.52 -12.33
C GLY A 9 -13.33 18.59 -12.40
N GLY A 10 -13.20 19.37 -11.30
CA GLY A 10 -12.32 20.53 -11.20
C GLY A 10 -13.00 21.73 -10.55
N LEU A 11 -12.50 22.95 -10.85
CA LEU A 11 -12.96 24.17 -10.22
C LEU A 11 -14.05 24.83 -11.07
N VAL A 12 -15.15 25.26 -10.43
CA VAL A 12 -16.24 25.95 -11.10
C VAL A 12 -16.80 27.05 -10.19
N GLN A 13 -17.30 28.12 -10.82
CA GLN A 13 -17.90 29.25 -10.11
C GLN A 13 -19.26 28.84 -9.56
N PRO A 14 -19.70 29.37 -8.39
CA PRO A 14 -21.06 29.16 -7.92
C PRO A 14 -22.08 29.66 -8.94
N GLY A 15 -23.18 28.91 -9.07
CA GLY A 15 -24.21 29.25 -10.05
C GLY A 15 -23.96 28.52 -11.37
N GLY A 16 -22.71 28.09 -11.57
CA GLY A 16 -22.25 27.57 -12.85
C GLY A 16 -22.62 26.11 -13.04
N SER A 17 -22.19 25.57 -14.18
CA SER A 17 -22.58 24.24 -14.59
C SER A 17 -21.34 23.41 -14.84
N LEU A 18 -21.46 22.12 -14.53
CA LEU A 18 -20.38 21.16 -14.73
C LEU A 18 -20.99 19.81 -15.10
N ARG A 19 -20.31 19.07 -15.99
CA ARG A 19 -20.78 17.76 -16.40
C ARG A 19 -19.70 16.72 -16.13
N LEU A 20 -20.05 15.76 -15.25
CA LEU A 20 -19.19 14.66 -14.91
C LEU A 20 -19.53 13.46 -15.78
N SER A 21 -18.52 12.61 -16.02
CA SER A 21 -18.66 11.40 -16.81
C SER A 21 -17.97 10.25 -16.07
N CYS A 22 -18.46 9.03 -16.29
CA CYS A 22 -17.92 7.82 -15.69
C CYS A 22 -17.92 6.72 -16.75
N ALA A 23 -16.74 6.36 -17.27
CA ALA A 23 -16.64 5.31 -18.27
C ALA A 23 -16.50 3.97 -17.58
N ALA A 24 -17.11 2.93 -18.17
CA ALA A 24 -17.14 1.60 -17.58
C ALA A 24 -16.61 0.58 -18.57
N SER A 25 -15.98 -0.46 -18.01
CA SER A 25 -15.58 -1.63 -18.76
C SER A 25 -15.53 -2.83 -17.81
N GLY A 26 -15.52 -4.04 -18.39
CA GLY A 26 -15.29 -5.24 -17.61
C GLY A 26 -16.62 -5.83 -17.10
N PHE A 27 -17.76 -5.30 -17.55
CA PHE A 27 -19.06 -5.88 -17.28
C PHE A 27 -20.10 -5.39 -18.29
N THR A 28 -21.26 -6.05 -18.37
CA THR A 28 -22.31 -5.62 -19.28
C THR A 28 -23.01 -4.40 -18.67
N PHE A 29 -22.60 -3.19 -19.11
CA PHE A 29 -23.00 -1.93 -18.49
C PHE A 29 -24.51 -1.80 -18.39
N SER A 30 -25.24 -2.16 -19.47
CA SER A 30 -26.68 -1.99 -19.57
C SER A 30 -27.46 -2.95 -18.66
N SER A 31 -26.79 -3.94 -18.08
CA SER A 31 -27.43 -4.89 -17.18
C SER A 31 -27.50 -4.37 -15.74
N TYR A 32 -26.84 -3.24 -15.42
CA TYR A 32 -26.74 -2.82 -14.03
C TYR A 32 -27.19 -1.37 -13.83
N ALA A 33 -27.78 -1.13 -12.64
CA ALA A 33 -28.12 0.21 -12.18
C ALA A 33 -26.83 0.92 -11.79
N MET A 34 -26.74 2.22 -12.05
CA MET A 34 -25.56 2.99 -11.70
C MET A 34 -25.99 4.10 -10.77
N SER A 35 -25.07 4.53 -9.89
CA SER A 35 -25.31 5.66 -9.00
C SER A 35 -24.15 6.65 -9.06
N TRP A 36 -24.47 7.87 -8.65
CA TRP A 36 -23.48 8.84 -8.21
C TRP A 36 -23.57 9.00 -6.70
N VAL A 37 -22.43 8.93 -6.01
CA VAL A 37 -22.31 9.12 -4.58
C VAL A 37 -21.26 10.20 -4.39
N ARG A 38 -21.52 11.19 -3.51
CA ARG A 38 -20.53 12.24 -3.26
C ARG A 38 -20.07 12.21 -1.81
N GLN A 39 -18.87 12.75 -1.58
CA GLN A 39 -18.30 12.81 -0.24
C GLN A 39 -17.55 14.13 -0.12
N ALA A 40 -18.10 15.06 0.67
CA ALA A 40 -17.42 16.33 0.92
C ALA A 40 -16.09 16.08 1.65
N PRO A 41 -15.00 16.86 1.41
CA PRO A 41 -13.70 16.59 2.03
C PRO A 41 -13.79 16.49 3.55
N GLY A 42 -13.34 15.34 4.09
CA GLY A 42 -13.42 15.02 5.51
C GLY A 42 -14.83 14.76 6.03
N LYS A 43 -15.83 14.47 5.18
CA LYS A 43 -17.17 14.17 5.65
C LYS A 43 -17.61 12.77 5.21
N GLY A 44 -18.87 12.41 5.46
CA GLY A 44 -19.39 11.09 5.12
C GLY A 44 -19.89 11.02 3.69
N LEU A 45 -20.38 9.84 3.30
CA LEU A 45 -20.90 9.58 1.97
C LEU A 45 -22.35 10.03 1.88
N GLU A 46 -22.70 10.60 0.75
CA GLU A 46 -24.05 11.05 0.49
C GLU A 46 -24.43 10.58 -0.91
N TRP A 47 -25.48 9.77 -0.98
CA TRP A 47 -26.01 9.31 -2.26
C TRP A 47 -26.64 10.49 -3.01
N VAL A 48 -26.39 10.57 -4.33
CA VAL A 48 -26.79 11.72 -5.14
C VAL A 48 -27.96 11.30 -6.03
N SER A 49 -27.76 10.26 -6.85
CA SER A 49 -28.81 9.84 -7.79
C SER A 49 -28.51 8.44 -8.30
N ALA A 50 -29.55 7.84 -8.88
CA ALA A 50 -29.45 6.50 -9.43
C ALA A 50 -30.24 6.42 -10.74
N ILE A 51 -29.75 5.56 -11.65
CA ILE A 51 -30.37 5.36 -12.95
C ILE A 51 -30.42 3.87 -13.26
N SER A 52 -31.53 3.41 -13.85
CA SER A 52 -31.69 1.99 -14.13
C SER A 52 -30.79 1.63 -15.30
N GLY A 53 -30.62 0.31 -15.52
CA GLY A 53 -29.76 -0.18 -16.60
C GLY A 53 -30.16 0.35 -17.98
N SER A 54 -31.46 0.65 -18.13
CA SER A 54 -32.06 1.08 -19.37
C SER A 54 -32.12 2.60 -19.47
N GLY A 55 -32.03 3.29 -18.33
CA GLY A 55 -32.13 4.73 -18.29
C GLY A 55 -33.57 5.20 -18.06
N GLY A 56 -34.51 4.25 -17.97
CA GLY A 56 -35.93 4.58 -17.93
C GLY A 56 -36.40 5.10 -16.58
N SER A 57 -35.71 4.68 -15.53
CA SER A 57 -36.01 5.11 -14.17
C SER A 57 -34.82 5.90 -13.62
N THR A 58 -35.06 7.15 -13.21
CA THR A 58 -34.07 7.96 -12.51
C THR A 58 -34.64 8.39 -11.16
N TYR A 59 -33.76 8.39 -10.13
CA TYR A 59 -34.05 8.85 -8.77
C TYR A 59 -33.00 9.89 -8.35
N TYR A 60 -33.38 10.86 -7.49
CA TYR A 60 -32.51 11.94 -7.04
C TYR A 60 -32.64 12.17 -5.53
N ALA A 61 -31.55 12.64 -4.92
CA ALA A 61 -31.53 13.03 -3.51
C ALA A 61 -32.23 14.35 -3.34
N ASP A 62 -32.73 14.60 -2.12
CA ASP A 62 -33.49 15.80 -1.84
C ASP A 62 -32.67 17.03 -2.22
N SER A 63 -31.38 17.07 -1.83
CA SER A 63 -30.50 18.23 -1.98
C SER A 63 -30.18 18.57 -3.45
N VAL A 64 -30.28 17.60 -4.36
CA VAL A 64 -29.85 17.83 -5.73
C VAL A 64 -31.04 17.88 -6.68
N LYS A 65 -32.27 17.80 -6.18
CA LYS A 65 -33.44 17.75 -7.05
C LYS A 65 -33.58 19.05 -7.81
N GLY A 66 -33.89 18.95 -9.11
CA GLY A 66 -34.15 20.15 -9.90
C GLY A 66 -32.88 20.81 -10.47
N ARG A 67 -31.70 20.41 -9.97
CA ARG A 67 -30.44 20.99 -10.39
C ARG A 67 -29.56 19.98 -11.15
N PHE A 68 -29.59 18.70 -10.75
CA PHE A 68 -28.70 17.69 -11.29
C PHE A 68 -29.50 16.75 -12.21
N THR A 69 -28.86 16.20 -13.26
CA THR A 69 -29.54 15.28 -14.15
C THR A 69 -28.64 14.08 -14.46
N ILE A 70 -29.09 12.87 -14.06
CA ILE A 70 -28.32 11.66 -14.31
C ILE A 70 -28.79 11.02 -15.63
N SER A 71 -27.82 10.71 -16.51
CA SER A 71 -28.06 10.12 -17.82
C SER A 71 -27.03 9.04 -18.11
N ARG A 72 -27.26 8.25 -19.19
CA ARG A 72 -26.30 7.22 -19.59
C ARG A 72 -26.40 6.94 -21.07
N ASP A 73 -25.29 6.47 -21.66
CA ASP A 73 -25.22 6.04 -23.05
C ASP A 73 -24.72 4.61 -23.05
N ASN A 74 -25.61 3.64 -23.27
CA ASN A 74 -25.20 2.27 -23.06
C ASN A 74 -24.31 1.82 -24.22
N SER A 75 -24.48 2.45 -25.39
CA SER A 75 -23.64 2.18 -26.55
C SER A 75 -22.19 2.62 -26.29
N LYS A 76 -21.98 3.65 -25.47
CA LYS A 76 -20.65 4.13 -25.15
C LYS A 76 -20.15 3.64 -23.78
N ASN A 77 -20.98 2.88 -23.04
CA ASN A 77 -20.68 2.43 -21.68
C ASN A 77 -20.23 3.58 -20.77
N THR A 78 -20.90 4.73 -20.90
CA THR A 78 -20.57 5.92 -20.15
C THR A 78 -21.79 6.37 -19.37
N LEU A 79 -21.57 6.89 -18.15
CA LEU A 79 -22.61 7.40 -17.27
C LEU A 79 -22.33 8.89 -17.04
N TYR A 80 -23.34 9.77 -17.13
CA TYR A 80 -23.12 11.21 -17.02
C TYR A 80 -23.89 11.79 -15.85
N LEU A 81 -23.40 12.95 -15.36
CA LEU A 81 -24.09 13.74 -14.35
C LEU A 81 -24.02 15.20 -14.74
N GLN A 82 -25.17 15.82 -14.98
CA GLN A 82 -25.23 17.21 -15.38
C GLN A 82 -25.58 18.04 -14.16
N MET A 83 -24.57 18.65 -13.55
CA MET A 83 -24.75 19.51 -12.39
C MET A 83 -24.96 20.95 -12.85
N ASN A 84 -26.12 21.52 -12.51
CA ASN A 84 -26.44 22.91 -12.82
C ASN A 84 -26.75 23.67 -11.53
N SER A 85 -26.67 25.01 -11.60
CA SER A 85 -26.96 25.90 -10.48
C SER A 85 -26.17 25.50 -9.24
N LEU A 86 -24.90 25.13 -9.44
CA LEU A 86 -24.06 24.61 -8.38
C LEU A 86 -23.95 25.61 -7.24
N ARG A 87 -23.84 25.06 -6.02
CA ARG A 87 -23.62 25.84 -4.83
C ARG A 87 -22.33 25.36 -4.20
N ALA A 88 -21.85 26.12 -3.19
CA ALA A 88 -20.60 25.78 -2.53
C ALA A 88 -20.74 24.41 -1.89
N GLU A 89 -21.94 24.11 -1.35
CA GLU A 89 -22.24 22.88 -0.62
C GLU A 89 -22.00 21.63 -1.48
N ASP A 90 -22.11 21.78 -2.80
CA ASP A 90 -21.96 20.66 -3.70
C ASP A 90 -20.49 20.28 -3.86
N THR A 91 -19.58 20.88 -3.11
CA THR A 91 -18.17 20.56 -3.27
C THR A 91 -17.97 19.22 -2.58
N ALA A 92 -17.43 18.27 -3.33
CA ALA A 92 -17.25 16.92 -2.84
C ALA A 92 -16.43 16.14 -3.85
N VAL A 93 -15.94 14.97 -3.44
CA VAL A 93 -15.42 14.02 -4.42
C VAL A 93 -16.63 13.24 -4.95
N TYR A 94 -16.79 13.20 -6.28
CA TYR A 94 -17.93 12.51 -6.88
C TYR A 94 -17.49 11.12 -7.37
N TYR A 95 -18.05 10.08 -6.73
CA TYR A 95 -17.90 8.68 -7.11
C TYR A 95 -19.03 8.20 -8.00
N CYS A 96 -18.73 7.32 -8.98
CA CYS A 96 -19.73 6.55 -9.69
C CYS A 96 -19.65 5.10 -9.21
N ALA A 97 -20.78 4.42 -9.08
CA ALA A 97 -20.81 3.11 -8.46
C ALA A 97 -21.70 2.18 -9.28
N LYS A 98 -21.31 0.91 -9.33
CA LYS A 98 -22.12 -0.14 -9.92
C LYS A 98 -22.89 -0.81 -8.79
N SER A 99 -24.20 -1.00 -9.01
CA SER A 99 -25.08 -1.62 -8.03
C SER A 99 -25.49 -3.04 -8.44
N TYR A 100 -25.55 -3.91 -7.42
CA TYR A 100 -26.12 -5.26 -7.48
C TYR A 100 -26.22 -5.79 -6.04
N GLY A 101 -27.37 -5.58 -5.37
CA GLY A 101 -27.53 -5.99 -3.98
C GLY A 101 -26.94 -4.97 -2.99
N ALA A 102 -25.89 -4.26 -3.44
CA ALA A 102 -25.37 -3.03 -2.85
C ALA A 102 -24.45 -2.34 -3.88
N PHE A 103 -23.66 -1.29 -3.51
CA PHE A 103 -22.68 -0.76 -4.45
C PHE A 103 -21.43 -1.63 -4.43
N ASP A 104 -21.37 -2.64 -5.33
CA ASP A 104 -20.32 -3.65 -5.28
C ASP A 104 -19.05 -3.12 -5.94
N TYR A 105 -19.12 -2.04 -6.73
CA TYR A 105 -17.90 -1.50 -7.30
C TYR A 105 -17.97 0.02 -7.36
N TRP A 106 -16.85 0.69 -7.02
CA TRP A 106 -16.75 2.13 -6.97
C TRP A 106 -15.56 2.64 -7.76
N GLY A 107 -15.71 3.80 -8.39
CA GLY A 107 -14.64 4.40 -9.17
C GLY A 107 -13.70 5.11 -8.22
N GLN A 108 -12.64 5.73 -8.75
CA GLN A 108 -11.64 6.43 -7.94
C GLN A 108 -12.20 7.75 -7.40
N GLY A 109 -13.07 8.42 -8.17
CA GLY A 109 -13.63 9.70 -7.76
C GLY A 109 -13.03 10.91 -8.49
N THR A 110 -13.83 11.96 -8.74
CA THR A 110 -13.39 13.18 -9.38
C THR A 110 -13.79 14.37 -8.49
N LEU A 111 -12.86 15.31 -8.27
CA LEU A 111 -13.05 16.33 -7.24
C LEU A 111 -13.66 17.55 -7.89
N VAL A 112 -14.86 17.90 -7.40
CA VAL A 112 -15.57 19.09 -7.85
C VAL A 112 -15.45 20.13 -6.75
N THR A 113 -14.81 21.25 -7.08
CA THR A 113 -14.62 22.37 -6.17
C THR A 113 -15.47 23.54 -6.66
N VAL A 114 -16.45 24.00 -5.86
CA VAL A 114 -17.28 25.14 -6.25
C VAL A 114 -16.86 26.34 -5.41
N SER A 115 -16.23 27.32 -6.06
CA SER A 115 -15.70 28.48 -5.37
C SER A 115 -15.46 29.64 -6.33
N SER A 116 -15.57 30.86 -5.77
CA SER A 116 -15.31 32.08 -6.52
C SER A 116 -13.80 32.36 -6.55
N ALA A 117 -13.03 31.65 -5.72
CA ALA A 117 -11.57 31.83 -5.66
C ALA A 117 -10.95 31.39 -6.97
N SER A 118 -9.85 32.05 -7.35
CA SER A 118 -9.11 31.68 -8.55
C SER A 118 -8.02 30.67 -8.26
N THR A 119 -7.50 30.05 -9.31
CA THR A 119 -6.50 29.01 -9.20
C THR A 119 -5.15 29.65 -8.92
N LYS A 120 -4.48 29.14 -7.88
CA LYS A 120 -3.19 29.66 -7.50
C LYS A 120 -2.18 28.52 -7.42
N GLY A 121 -1.04 28.71 -8.08
CA GLY A 121 0.06 27.75 -8.01
C GLY A 121 0.77 27.86 -6.66
N PRO A 122 1.23 26.72 -6.08
CA PRO A 122 1.90 26.73 -4.76
C PRO A 122 3.33 27.21 -4.80
N SER A 123 3.78 27.74 -3.66
CA SER A 123 5.18 28.00 -3.41
C SER A 123 5.71 26.83 -2.60
N VAL A 124 6.91 26.39 -2.96
CA VAL A 124 7.58 25.34 -2.21
C VAL A 124 8.79 25.90 -1.48
N PHE A 125 8.82 25.67 -0.16
CA PHE A 125 9.97 26.08 0.64
C PHE A 125 10.56 24.86 1.31
N PRO A 126 11.89 24.79 1.44
CA PRO A 126 12.53 23.66 2.12
C PRO A 126 12.51 23.76 3.63
N LEU A 127 12.40 22.60 4.29
CA LEU A 127 12.49 22.51 5.73
C LEU A 127 13.82 21.85 6.06
N ALA A 128 14.84 22.66 6.36
CA ALA A 128 16.21 22.22 6.42
C ALA A 128 16.48 21.39 7.67
N PRO A 129 17.24 20.28 7.55
CA PRO A 129 17.68 19.53 8.74
C PRO A 129 18.89 20.20 9.37
N SER A 130 18.71 20.89 10.49
CA SER A 130 19.83 21.45 11.23
C SER A 130 20.06 20.62 12.51
N SER A 131 20.80 21.16 13.48
CA SER A 131 20.94 20.47 14.76
C SER A 131 19.66 20.67 15.59
N LYS A 132 18.86 21.74 15.35
CA LYS A 132 17.54 21.96 15.98
C LYS A 132 16.46 20.98 15.49
N SER A 133 16.72 20.41 14.30
CA SER A 133 15.85 19.42 13.70
C SER A 133 16.44 18.01 13.89
N THR A 134 17.08 17.75 15.07
CA THR A 134 17.60 16.43 15.46
C THR A 134 17.16 16.10 16.91
N SER A 135 16.86 14.83 17.24
CA SER A 135 16.16 14.48 18.49
C SER A 135 16.21 12.98 18.76
N GLY A 136 17.16 12.52 19.57
CA GLY A 136 17.22 11.11 19.96
C GLY A 136 17.77 10.22 18.83
N GLY A 137 18.82 10.75 18.18
CA GLY A 137 19.50 10.12 17.06
C GLY A 137 18.79 10.29 15.73
N THR A 138 17.60 10.89 15.71
CA THR A 138 16.78 11.05 14.52
C THR A 138 16.85 12.49 14.03
N ALA A 139 16.76 12.71 12.71
CA ALA A 139 16.79 14.04 12.11
C ALA A 139 15.61 14.17 11.16
N ALA A 140 15.08 15.38 10.98
CA ALA A 140 13.95 15.55 10.08
C ALA A 140 14.17 16.71 9.10
N LEU A 141 13.50 16.58 7.95
CA LEU A 141 13.52 17.54 6.87
C LEU A 141 12.22 17.42 6.09
N GLY A 142 11.99 18.32 5.14
CA GLY A 142 10.72 18.31 4.44
C GLY A 142 10.52 19.51 3.52
N CYS A 143 9.25 19.69 3.12
CA CYS A 143 8.85 20.72 2.18
C CYS A 143 7.53 21.33 2.65
N LEU A 144 7.44 22.65 2.56
CA LEU A 144 6.22 23.36 2.83
C LEU A 144 5.67 23.84 1.51
N VAL A 145 4.46 23.39 1.22
CA VAL A 145 3.75 23.74 0.01
C VAL A 145 2.66 24.72 0.41
N LYS A 146 2.91 26.02 0.16
CA LYS A 146 2.07 27.06 0.72
C LYS A 146 1.25 27.74 -0.37
N ASP A 147 0.04 28.18 0.02
CA ASP A 147 -0.84 29.09 -0.72
C ASP A 147 -1.15 28.60 -2.13
N TYR A 148 -2.03 27.60 -2.23
CA TYR A 148 -2.42 27.09 -3.54
C TYR A 148 -3.92 26.85 -3.52
N PHE A 149 -4.52 26.86 -4.72
CA PHE A 149 -5.94 26.59 -4.87
C PHE A 149 -6.17 26.16 -6.30
N PRO A 150 -7.06 25.19 -6.61
CA PRO A 150 -7.69 24.32 -5.61
C PRO A 150 -6.90 23.05 -5.33
N GLU A 151 -7.48 22.17 -4.49
CA GLU A 151 -6.85 20.88 -4.24
C GLU A 151 -6.99 20.03 -5.49
N PRO A 152 -6.03 19.12 -5.81
CA PRO A 152 -4.98 18.70 -4.88
C PRO A 152 -3.56 18.96 -5.38
N VAL A 153 -2.60 18.53 -4.56
CA VAL A 153 -1.19 18.58 -4.94
C VAL A 153 -0.62 17.20 -4.66
N THR A 154 0.43 16.85 -5.40
CA THR A 154 1.05 15.57 -5.20
C THR A 154 2.47 15.87 -4.76
N VAL A 155 2.92 15.21 -3.69
CA VAL A 155 4.29 15.38 -3.21
C VAL A 155 4.96 14.02 -3.24
N SER A 156 6.18 13.97 -3.78
CA SER A 156 6.96 12.75 -3.83
C SER A 156 8.37 13.06 -3.36
N TRP A 157 9.10 12.06 -2.88
CA TRP A 157 10.49 12.28 -2.51
C TRP A 157 11.40 11.47 -3.41
N ASN A 158 12.42 12.15 -3.95
CA ASN A 158 13.42 11.56 -4.84
C ASN A 158 12.75 10.90 -6.06
N SER A 159 11.75 11.61 -6.59
CA SER A 159 11.00 11.29 -7.80
C SER A 159 10.23 9.97 -7.66
N GLY A 160 9.72 9.70 -6.45
CA GLY A 160 8.84 8.56 -6.23
C GLY A 160 9.51 7.46 -5.43
N ALA A 161 10.86 7.50 -5.37
CA ALA A 161 11.70 6.43 -4.82
C ALA A 161 11.62 6.31 -3.30
N LEU A 162 11.70 7.44 -2.58
CA LEU A 162 11.73 7.44 -1.12
C LEU A 162 10.30 7.47 -0.55
N THR A 163 9.93 6.44 0.22
CA THR A 163 8.68 6.40 0.98
C THR A 163 8.91 5.97 2.44
N SER A 164 10.08 5.40 2.75
CA SER A 164 10.48 5.07 4.09
C SER A 164 10.56 6.30 5.00
N GLY A 165 9.71 6.33 6.04
CA GLY A 165 9.74 7.36 7.08
C GLY A 165 9.17 8.71 6.63
N VAL A 166 8.39 8.67 5.55
CA VAL A 166 7.81 9.86 4.93
C VAL A 166 6.44 10.05 5.57
N HIS A 167 6.14 11.30 5.94
CA HIS A 167 4.82 11.69 6.42
C HIS A 167 4.35 12.87 5.58
N THR A 168 3.43 12.66 4.63
CA THR A 168 2.81 13.79 3.96
C THR A 168 1.44 14.10 4.60
N PHE A 169 1.30 15.33 5.08
CA PHE A 169 0.15 15.72 5.87
C PHE A 169 -1.03 16.15 4.99
N PRO A 170 -2.26 15.96 5.53
CA PRO A 170 -3.47 16.52 4.94
C PRO A 170 -3.33 18.03 4.87
N ALA A 171 -3.71 18.60 3.74
CA ALA A 171 -3.71 20.06 3.61
C ALA A 171 -4.71 20.66 4.60
N VAL A 172 -4.43 21.86 5.07
CA VAL A 172 -5.38 22.62 5.85
C VAL A 172 -5.76 23.88 5.05
N LEU A 173 -6.97 24.39 5.26
CA LEU A 173 -7.40 25.61 4.59
C LEU A 173 -7.07 26.83 5.45
N GLN A 174 -6.30 27.77 4.91
CA GLN A 174 -5.91 28.97 5.66
C GLN A 174 -7.07 29.97 5.63
N SER A 175 -7.05 30.93 6.56
CA SER A 175 -8.06 31.97 6.59
C SER A 175 -8.01 32.81 5.31
N SER A 176 -6.88 32.73 4.58
CA SER A 176 -6.70 33.41 3.30
C SER A 176 -7.47 32.73 2.18
N GLY A 177 -8.00 31.54 2.45
CA GLY A 177 -8.80 30.79 1.48
C GLY A 177 -7.93 29.89 0.59
N LEU A 178 -6.62 29.89 0.82
CA LEU A 178 -5.69 29.05 0.09
C LEU A 178 -5.29 27.86 0.97
N TYR A 179 -4.99 26.73 0.33
CA TYR A 179 -4.57 25.52 1.03
C TYR A 179 -3.07 25.59 1.28
N SER A 180 -2.64 24.84 2.29
CA SER A 180 -1.23 24.73 2.59
C SER A 180 -0.94 23.38 3.25
N LEU A 181 0.11 22.68 2.80
CA LEU A 181 0.44 21.41 3.40
C LEU A 181 1.94 21.21 3.43
N SER A 182 2.39 20.44 4.42
CA SER A 182 3.77 20.11 4.56
C SER A 182 3.94 18.61 4.35
N SER A 183 5.10 18.24 3.79
CA SER A 183 5.56 16.87 3.72
C SER A 183 6.90 16.77 4.45
N VAL A 184 7.10 15.74 5.28
CA VAL A 184 8.37 15.58 5.95
C VAL A 184 8.90 14.16 5.75
N VAL A 185 10.16 13.99 6.10
CA VAL A 185 10.76 12.66 6.14
C VAL A 185 11.82 12.64 7.25
N THR A 186 11.67 11.66 8.16
CA THR A 186 12.66 11.44 9.22
C THR A 186 13.70 10.43 8.74
N VAL A 187 14.97 10.69 9.05
CA VAL A 187 16.11 9.84 8.72
C VAL A 187 17.08 9.86 9.90
N PRO A 188 17.89 8.82 10.18
CA PRO A 188 18.90 8.93 11.24
C PRO A 188 19.82 10.14 11.03
N SER A 189 20.18 10.78 12.12
CA SER A 189 20.92 12.02 12.03
C SER A 189 22.30 11.78 11.44
N SER A 190 22.80 10.52 11.50
CA SER A 190 24.13 10.21 10.98
C SER A 190 24.12 10.03 9.45
N SER A 191 22.94 9.99 8.84
CA SER A 191 22.82 9.78 7.42
C SER A 191 22.52 11.08 6.70
N LEU A 192 22.97 12.22 7.22
CA LEU A 192 22.59 13.49 6.62
C LEU A 192 23.55 13.81 5.48
N GLY A 193 24.85 13.70 5.78
CA GLY A 193 25.84 13.97 4.76
C GLY A 193 25.99 12.77 3.83
N THR A 194 24.90 12.03 3.51
CA THR A 194 25.06 10.83 2.70
C THR A 194 23.93 10.64 1.70
N GLN A 195 22.92 11.50 1.70
CA GLN A 195 21.83 11.31 0.75
C GLN A 195 21.27 12.67 0.36
N THR A 196 20.92 12.79 -0.92
CA THR A 196 20.30 14.00 -1.46
C THR A 196 18.78 13.82 -1.47
N TYR A 197 18.07 14.78 -0.84
CA TYR A 197 16.63 14.72 -0.74
C TYR A 197 16.03 15.84 -1.58
N ILE A 198 15.15 15.47 -2.51
CA ILE A 198 14.45 16.41 -3.36
C ILE A 198 12.95 16.10 -3.33
N CYS A 199 12.12 17.10 -3.01
CA CYS A 199 10.68 16.90 -2.98
C CYS A 199 10.07 17.37 -4.31
N ASN A 200 9.23 16.52 -4.88
CA ASN A 200 8.65 16.77 -6.18
C ASN A 200 7.20 17.14 -5.94
N VAL A 201 6.84 18.37 -6.34
CA VAL A 201 5.50 18.85 -6.12
C VAL A 201 4.85 19.14 -7.46
N ASN A 202 3.64 18.61 -7.61
CA ASN A 202 2.87 18.92 -8.79
C ASN A 202 1.53 19.48 -8.32
N HIS A 203 1.13 20.61 -8.91
CA HIS A 203 -0.24 21.09 -8.80
C HIS A 203 -0.86 21.13 -10.20
N LYS A 204 -1.61 20.08 -10.54
CA LYS A 204 -2.16 19.98 -11.88
C LYS A 204 -3.09 21.16 -12.17
N PRO A 205 -4.00 21.62 -11.27
CA PRO A 205 -4.93 22.70 -11.61
C PRO A 205 -4.29 24.00 -12.10
N SER A 206 -3.01 24.21 -11.79
CA SER A 206 -2.30 25.39 -12.26
C SER A 206 -1.08 25.05 -13.09
N ASN A 207 -0.91 23.77 -13.44
CA ASN A 207 0.24 23.25 -14.18
C ASN A 207 1.55 23.72 -13.53
N THR A 208 1.71 23.39 -12.23
CA THR A 208 2.90 23.74 -11.48
C THR A 208 3.67 22.47 -11.16
N LYS A 209 4.94 22.43 -11.53
CA LYS A 209 5.77 21.29 -11.20
C LYS A 209 7.07 21.87 -10.66
N VAL A 210 7.27 21.75 -9.34
CA VAL A 210 8.51 22.20 -8.72
C VAL A 210 9.26 21.01 -8.15
N ASP A 211 10.59 20.99 -8.34
CA ASP A 211 11.45 19.98 -7.75
C ASP A 211 12.41 20.75 -6.85
N LYS A 212 12.17 20.71 -5.53
CA LYS A 212 12.97 21.47 -4.59
C LYS A 212 13.95 20.56 -3.85
N ARG A 213 15.24 20.93 -3.95
CA ARG A 213 16.34 20.23 -3.29
C ARG A 213 16.49 20.78 -1.87
N VAL A 214 16.39 19.90 -0.87
CA VAL A 214 16.50 20.30 0.52
C VAL A 214 17.94 20.10 0.99
N GLU A 215 18.63 21.23 1.26
CA GLU A 215 19.98 21.20 1.78
C GLU A 215 19.95 21.42 3.30
N PRO A 216 20.75 20.65 4.08
CA PRO A 216 20.82 20.83 5.54
C PRO A 216 21.45 22.18 5.92
N LYS A 217 21.02 22.81 7.03
CA LYS A 217 21.57 24.12 7.43
C LYS A 217 22.68 24.02 8.50
N ASP B 1 -35.59 10.36 3.43
CA ASP B 1 -35.97 10.59 4.84
C ASP B 1 -35.90 9.31 5.70
N ILE B 2 -35.31 8.18 5.26
CA ILE B 2 -34.87 7.15 6.21
C ILE B 2 -33.49 7.54 6.72
N VAL B 3 -33.36 7.75 8.04
CA VAL B 3 -32.12 8.25 8.62
C VAL B 3 -31.33 7.12 9.27
N MET B 4 -30.02 7.08 8.99
CA MET B 4 -29.14 6.08 9.54
C MET B 4 -28.21 6.71 10.57
N THR B 5 -28.17 6.14 11.79
CA THR B 5 -27.35 6.66 12.87
C THR B 5 -26.40 5.56 13.37
N GLN B 6 -25.09 5.79 13.26
CA GLN B 6 -24.11 4.82 13.72
C GLN B 6 -23.62 5.16 15.11
N SER B 7 -23.08 4.19 15.85
CA SER B 7 -22.40 4.42 17.13
C SER B 7 -21.42 3.30 17.42
N PRO B 8 -20.22 3.59 17.98
CA PRO B 8 -19.75 4.96 18.24
C PRO B 8 -19.30 5.74 17.02
N ASP B 9 -18.97 7.03 17.21
CA ASP B 9 -18.38 7.83 16.16
C ASP B 9 -16.96 7.35 15.88
N SER B 10 -16.25 6.89 16.90
CA SER B 10 -14.86 6.45 16.81
C SER B 10 -14.66 5.29 17.78
N LEU B 11 -13.76 4.35 17.44
CA LEU B 11 -13.59 3.10 18.17
C LEU B 11 -12.14 2.64 18.04
N ALA B 12 -11.44 2.47 19.17
CA ALA B 12 -10.07 1.96 19.12
C ALA B 12 -10.01 0.60 19.81
N VAL B 13 -9.57 -0.41 19.06
CA VAL B 13 -9.52 -1.77 19.56
C VAL B 13 -8.13 -2.36 19.28
N SER B 14 -7.63 -3.17 20.21
CA SER B 14 -6.32 -3.80 20.09
C SER B 14 -6.29 -4.80 18.94
N LEU B 15 -5.08 -5.09 18.42
CA LEU B 15 -4.88 -6.09 17.37
C LEU B 15 -5.44 -7.43 17.82
N GLY B 16 -6.28 -8.02 16.98
CA GLY B 16 -6.77 -9.37 17.21
C GLY B 16 -8.04 -9.40 18.05
N GLU B 17 -8.43 -8.25 18.61
CA GLU B 17 -9.58 -8.18 19.50
C GLU B 17 -10.82 -7.78 18.69
N ARG B 18 -11.98 -7.88 19.36
CA ARG B 18 -13.26 -7.74 18.68
C ARG B 18 -13.71 -6.28 18.60
N ALA B 19 -14.13 -5.83 17.41
CA ALA B 19 -14.72 -4.52 17.17
C ALA B 19 -16.19 -4.67 16.80
N THR B 20 -17.02 -3.73 17.28
CA THR B 20 -18.48 -3.78 17.11
C THR B 20 -18.96 -2.37 16.75
N ILE B 21 -19.69 -2.26 15.65
CA ILE B 21 -20.26 -0.99 15.20
C ILE B 21 -21.77 -1.16 15.06
N ASN B 22 -22.54 -0.21 15.62
CA ASN B 22 -24.00 -0.26 15.56
C ASN B 22 -24.49 0.74 14.53
N CYS B 23 -25.64 0.39 13.91
CA CYS B 23 -26.27 1.21 12.90
C CYS B 23 -27.78 1.13 13.11
N LYS B 24 -28.39 2.27 13.42
CA LYS B 24 -29.81 2.36 13.74
C LYS B 24 -30.53 3.15 12.64
N SER B 25 -31.52 2.49 12.02
CA SER B 25 -32.33 3.04 10.96
C SER B 25 -33.60 3.65 11.55
N SER B 26 -34.03 4.83 11.06
CA SER B 26 -35.21 5.50 11.58
C SER B 26 -36.52 4.78 11.21
N GLN B 27 -36.48 3.90 10.21
CA GLN B 27 -37.62 3.09 9.82
C GLN B 27 -37.16 1.67 9.53
N SER B 28 -38.08 0.71 9.62
CA SER B 28 -37.76 -0.69 9.44
C SER B 28 -37.41 -0.99 7.97
N VAL B 29 -36.14 -1.35 7.72
CA VAL B 29 -35.68 -1.69 6.37
C VAL B 29 -35.79 -3.20 6.14
N LEU B 30 -36.72 -3.85 6.86
CA LEU B 30 -37.04 -5.26 6.68
C LEU B 30 -38.13 -5.36 5.63
N TYR B 31 -37.82 -5.93 4.45
CA TYR B 31 -38.84 -6.11 3.43
C TYR B 31 -39.62 -7.40 3.71
N SER B 32 -40.92 -7.28 3.98
CA SER B 32 -41.68 -8.40 4.51
C SER B 32 -41.85 -9.48 3.45
N SER B 33 -41.93 -9.04 2.20
CA SER B 33 -42.03 -9.93 1.04
C SER B 33 -41.00 -11.06 1.03
N ASN B 34 -39.69 -10.78 1.22
CA ASN B 34 -38.66 -11.82 1.17
C ASN B 34 -37.88 -11.94 2.48
N ASN B 35 -38.33 -11.25 3.53
CA ASN B 35 -37.74 -11.32 4.87
C ASN B 35 -36.29 -10.84 4.89
N LYS B 36 -35.81 -10.21 3.82
CA LYS B 36 -34.45 -9.68 3.77
C LYS B 36 -34.43 -8.22 4.23
N ASN B 37 -33.42 -7.88 5.05
CA ASN B 37 -33.23 -6.51 5.49
C ASN B 37 -32.26 -5.81 4.54
N TYR B 38 -32.69 -4.69 3.95
CA TYR B 38 -31.89 -4.05 2.90
C TYR B 38 -30.87 -3.10 3.53
N LEU B 39 -29.75 -3.65 4.03
CA LEU B 39 -28.74 -2.85 4.70
C LEU B 39 -27.33 -3.32 4.32
N ALA B 40 -26.47 -2.37 3.95
CA ALA B 40 -25.12 -2.68 3.49
C ALA B 40 -24.07 -2.03 4.38
N TRP B 41 -22.86 -2.60 4.35
CA TRP B 41 -21.75 -2.08 5.10
C TRP B 41 -20.58 -1.85 4.15
N TYR B 42 -19.94 -0.69 4.23
CA TYR B 42 -18.73 -0.41 3.47
C TYR B 42 -17.54 -0.11 4.40
N GLN B 43 -16.35 -0.39 3.88
CA GLN B 43 -15.08 -0.04 4.50
C GLN B 43 -14.41 1.02 3.65
N GLN B 44 -14.00 2.14 4.24
CA GLN B 44 -13.29 3.16 3.46
C GLN B 44 -11.96 3.54 4.10
N LYS B 45 -10.86 3.08 3.49
CA LYS B 45 -9.52 3.40 3.94
C LYS B 45 -9.18 4.79 3.42
N PRO B 46 -8.23 5.52 4.04
CA PRO B 46 -7.95 6.89 3.60
C PRO B 46 -7.51 7.01 2.14
N GLY B 47 -8.15 7.95 1.42
CA GLY B 47 -7.76 8.30 0.06
C GLY B 47 -8.21 7.27 -0.96
N GLN B 48 -9.02 6.31 -0.51
CA GLN B 48 -9.46 5.23 -1.38
C GLN B 48 -10.98 5.16 -1.40
N PRO B 49 -11.58 4.88 -2.59
CA PRO B 49 -13.03 4.70 -2.70
C PRO B 49 -13.53 3.57 -1.82
N PRO B 50 -14.78 3.68 -1.33
CA PRO B 50 -15.30 2.66 -0.41
C PRO B 50 -15.32 1.25 -0.99
N LYS B 51 -15.45 0.27 -0.10
CA LYS B 51 -15.42 -1.13 -0.48
C LYS B 51 -16.59 -1.82 0.20
N LEU B 52 -17.46 -2.43 -0.60
CA LEU B 52 -18.56 -3.21 -0.06
C LEU B 52 -18.06 -4.44 0.70
N LEU B 53 -18.61 -4.64 1.90
CA LEU B 53 -18.29 -5.76 2.77
C LEU B 53 -19.50 -6.68 2.85
N ILE B 54 -20.65 -6.15 3.32
CA ILE B 54 -21.84 -6.92 3.66
C ILE B 54 -23.05 -6.29 2.95
N TYR B 55 -23.99 -7.12 2.51
CA TYR B 55 -25.25 -6.65 1.95
C TYR B 55 -26.36 -7.56 2.46
N TRP B 56 -27.61 -7.09 2.36
CA TRP B 56 -28.78 -7.79 2.89
C TRP B 56 -28.59 -8.07 4.38
N ALA B 57 -27.97 -7.12 5.08
CA ALA B 57 -27.73 -7.12 6.51
C ALA B 57 -26.59 -8.05 6.95
N SER B 58 -26.53 -9.30 6.43
CA SER B 58 -25.57 -10.29 6.91
C SER B 58 -24.86 -11.06 5.80
N THR B 59 -25.32 -10.96 4.55
CA THR B 59 -24.71 -11.70 3.45
C THR B 59 -23.38 -11.08 3.04
N ARG B 60 -22.31 -11.88 3.08
CA ARG B 60 -20.96 -11.37 2.92
C ARG B 60 -20.53 -11.40 1.46
N GLU B 61 -19.98 -10.28 0.96
CA GLU B 61 -19.56 -10.13 -0.44
C GLU B 61 -18.35 -11.02 -0.71
N SER B 62 -18.22 -11.43 -1.98
CA SER B 62 -17.15 -12.28 -2.48
C SER B 62 -15.80 -11.69 -2.09
N GLY B 63 -14.95 -12.49 -1.43
CA GLY B 63 -13.58 -12.11 -1.07
C GLY B 63 -13.47 -11.37 0.27
N VAL B 64 -14.58 -11.02 0.92
CA VAL B 64 -14.52 -10.41 2.24
C VAL B 64 -14.24 -11.51 3.26
N PRO B 65 -13.23 -11.35 4.14
CA PRO B 65 -12.85 -12.40 5.09
C PRO B 65 -13.94 -12.77 6.07
N ASP B 66 -13.81 -13.99 6.62
CA ASP B 66 -14.72 -14.63 7.55
C ASP B 66 -14.98 -13.75 8.78
N ARG B 67 -14.05 -12.84 9.13
CA ARG B 67 -14.10 -12.06 10.37
C ARG B 67 -15.17 -10.96 10.32
N PHE B 68 -15.47 -10.43 9.14
CA PHE B 68 -16.56 -9.47 9.00
C PHE B 68 -17.89 -10.21 9.02
N SER B 69 -18.84 -9.72 9.81
CA SER B 69 -20.13 -10.37 9.98
C SER B 69 -21.19 -9.35 10.36
N GLY B 70 -22.21 -9.23 9.51
CA GLY B 70 -23.35 -8.36 9.82
C GLY B 70 -24.46 -9.12 10.55
N SER B 71 -25.26 -8.40 11.37
CA SER B 71 -26.31 -9.04 12.15
C SER B 71 -27.41 -8.03 12.50
N GLY B 72 -28.63 -8.55 12.74
CA GLY B 72 -29.76 -7.71 13.14
C GLY B 72 -30.86 -7.62 12.07
N SER B 73 -31.99 -7.03 12.43
CA SER B 73 -33.14 -6.88 11.55
C SER B 73 -34.00 -5.72 12.02
N GLY B 74 -34.85 -5.21 11.12
CA GLY B 74 -35.74 -4.11 11.48
C GLY B 74 -35.02 -2.77 11.44
N THR B 75 -34.58 -2.27 12.61
CA THR B 75 -34.02 -0.93 12.69
C THR B 75 -32.62 -0.96 13.31
N ASP B 76 -32.30 -1.93 14.18
CA ASP B 76 -30.96 -1.99 14.77
C ASP B 76 -30.15 -3.11 14.11
N PHE B 77 -28.89 -2.78 13.78
CA PHE B 77 -27.97 -3.65 13.06
C PHE B 77 -26.58 -3.54 13.67
N THR B 78 -25.69 -4.49 13.32
CA THR B 78 -24.36 -4.54 13.90
C THR B 78 -23.35 -5.14 12.92
N LEU B 79 -22.20 -4.48 12.77
CA LEU B 79 -21.06 -5.02 12.04
C LEU B 79 -20.04 -5.53 13.07
N THR B 80 -19.51 -6.75 12.88
CA THR B 80 -18.55 -7.29 13.82
C THR B 80 -17.27 -7.71 13.10
N ILE B 81 -16.13 -7.17 13.57
CA ILE B 81 -14.82 -7.63 13.17
C ILE B 81 -14.25 -8.47 14.31
N SER B 82 -14.20 -9.79 14.12
CA SER B 82 -13.84 -10.74 15.16
C SER B 82 -12.40 -10.56 15.63
N SER B 83 -11.49 -10.37 14.68
CA SER B 83 -10.07 -10.34 14.96
C SER B 83 -9.52 -9.16 14.17
N LEU B 84 -9.46 -7.99 14.80
CA LEU B 84 -9.11 -6.77 14.08
C LEU B 84 -7.67 -6.89 13.55
N GLN B 85 -7.51 -6.59 12.26
CA GLN B 85 -6.21 -6.65 11.60
C GLN B 85 -5.74 -5.22 11.35
N ALA B 86 -4.43 -5.05 11.16
CA ALA B 86 -3.87 -3.74 10.85
C ALA B 86 -4.51 -3.20 9.57
N GLU B 87 -4.67 -4.08 8.58
CA GLU B 87 -5.28 -3.79 7.29
C GLU B 87 -6.78 -3.48 7.41
N ASP B 88 -7.34 -3.34 8.62
CA ASP B 88 -8.76 -3.07 8.76
C ASP B 88 -9.03 -1.65 9.26
N VAL B 89 -7.97 -0.87 9.49
CA VAL B 89 -8.14 0.50 9.92
C VAL B 89 -8.76 1.31 8.79
N ALA B 90 -10.04 1.66 8.98
CA ALA B 90 -10.82 2.38 7.99
C ALA B 90 -12.03 3.04 8.64
N VAL B 91 -12.79 3.81 7.87
CA VAL B 91 -14.07 4.32 8.34
C VAL B 91 -15.17 3.42 7.80
N TYR B 92 -16.02 2.89 8.68
CA TYR B 92 -17.12 2.02 8.25
C TYR B 92 -18.42 2.83 8.12
N TYR B 93 -19.20 2.55 7.07
CA TYR B 93 -20.46 3.21 6.83
C TYR B 93 -21.54 2.15 6.66
N CYS B 94 -22.71 2.40 7.24
CA CYS B 94 -23.90 1.60 6.99
C CYS B 94 -24.78 2.34 5.97
N GLN B 95 -25.63 1.60 5.25
CA GLN B 95 -26.42 2.20 4.20
C GLN B 95 -27.71 1.41 4.02
N GLN B 96 -28.85 2.13 3.96
CA GLN B 96 -30.11 1.52 3.55
C GLN B 96 -30.26 1.62 2.02
N ASN B 97 -30.72 0.52 1.40
CA ASN B 97 -31.05 0.51 -0.01
C ASN B 97 -32.44 -0.13 -0.20
N LEU B 98 -33.35 0.09 0.74
CA LEU B 98 -34.72 -0.40 0.65
C LEU B 98 -35.56 0.50 -0.25
N ARG B 99 -35.48 1.81 -0.01
CA ARG B 99 -36.29 2.80 -0.71
C ARG B 99 -35.40 3.98 -1.07
N PRO B 100 -35.62 4.71 -2.18
CA PRO B 100 -34.94 5.99 -2.42
C PRO B 100 -35.52 7.10 -1.53
N PRO B 101 -34.68 8.09 -1.11
CA PRO B 101 -33.27 8.16 -1.52
C PRO B 101 -32.37 7.28 -0.65
N GLU B 102 -31.38 6.64 -1.26
CA GLU B 102 -30.49 5.76 -0.52
C GLU B 102 -29.71 6.63 0.47
N THR B 103 -29.58 6.19 1.71
CA THR B 103 -28.95 7.03 2.73
C THR B 103 -27.88 6.26 3.48
N PHE B 104 -26.85 7.01 3.89
CA PHE B 104 -25.71 6.44 4.59
C PHE B 104 -25.66 6.89 6.06
N GLY B 105 -25.01 6.08 6.92
CA GLY B 105 -24.62 6.52 8.25
C GLY B 105 -23.46 7.49 8.22
N GLN B 106 -23.21 8.13 9.37
CA GLN B 106 -22.22 9.21 9.42
C GLN B 106 -20.80 8.63 9.32
N GLY B 107 -20.65 7.33 9.63
CA GLY B 107 -19.37 6.66 9.57
C GLY B 107 -18.78 6.46 10.97
N THR B 108 -18.00 5.39 11.11
CA THR B 108 -17.35 5.05 12.36
C THR B 108 -15.88 4.83 12.07
N LYS B 109 -14.96 5.56 12.74
CA LYS B 109 -13.54 5.39 12.49
C LYS B 109 -13.00 4.31 13.41
N VAL B 110 -12.42 3.24 12.82
CA VAL B 110 -11.83 2.16 13.61
C VAL B 110 -10.31 2.32 13.58
N GLU B 111 -9.69 2.23 14.77
CA GLU B 111 -8.25 2.40 14.98
C GLU B 111 -7.71 1.21 15.78
N ILE B 112 -6.42 0.96 15.61
CA ILE B 112 -5.70 0.02 16.45
C ILE B 112 -5.33 0.70 17.78
N LYS B 113 -5.60 0.03 18.89
CA LYS B 113 -5.16 0.44 20.22
C LYS B 113 -3.82 -0.21 20.47
N ARG B 114 -2.80 0.59 20.81
CA ARG B 114 -1.47 0.05 21.07
C ARG B 114 -0.85 0.68 22.31
N THR B 115 0.36 0.22 22.65
CA THR B 115 1.13 0.77 23.77
C THR B 115 1.51 2.22 23.45
N VAL B 116 1.72 2.99 24.51
CA VAL B 116 1.84 4.42 24.33
C VAL B 116 3.22 4.74 23.74
N ALA B 117 3.25 5.63 22.73
CA ALA B 117 4.50 6.04 22.12
C ALA B 117 4.66 7.56 22.23
N ALA B 118 5.81 8.01 22.74
CA ALA B 118 6.06 9.43 22.85
C ALA B 118 6.59 9.98 21.53
N PRO B 119 6.22 11.19 21.12
CA PRO B 119 6.69 11.74 19.85
C PRO B 119 8.13 12.20 19.88
N SER B 120 8.71 12.28 18.68
CA SER B 120 9.91 13.04 18.45
C SER B 120 9.47 14.43 18.02
N VAL B 121 9.80 15.45 18.80
CA VAL B 121 9.53 16.80 18.34
C VAL B 121 10.72 17.37 17.57
N PHE B 122 10.41 18.12 16.50
CA PHE B 122 11.36 18.89 15.69
C PHE B 122 10.73 20.24 15.38
N ILE B 123 11.56 21.28 15.29
CA ILE B 123 11.04 22.59 14.91
C ILE B 123 11.83 23.12 13.73
N PHE B 124 11.09 23.67 12.76
CA PHE B 124 11.68 24.16 11.53
C PHE B 124 11.46 25.68 11.46
N PRO B 125 12.55 26.45 11.37
CA PRO B 125 12.44 27.89 11.21
C PRO B 125 11.99 28.17 9.80
N PRO B 126 11.43 29.36 9.52
CA PRO B 126 11.11 29.73 8.15
C PRO B 126 12.39 29.77 7.32
N SER B 127 12.28 29.24 6.11
CA SER B 127 13.37 29.18 5.14
C SER B 127 13.75 30.59 4.69
N ASP B 128 15.01 30.77 4.23
CA ASP B 128 15.49 32.06 3.73
C ASP B 128 14.67 32.50 2.52
N GLU B 129 14.18 31.50 1.77
CA GLU B 129 13.40 31.66 0.55
C GLU B 129 12.01 32.24 0.86
N GLN B 130 11.37 31.73 1.91
CA GLN B 130 10.03 32.15 2.28
C GLN B 130 10.09 33.57 2.83
N LEU B 131 11.16 33.89 3.56
CA LEU B 131 11.32 35.22 4.11
C LEU B 131 11.53 36.24 2.99
N LYS B 132 12.12 35.81 1.88
CA LYS B 132 12.24 36.70 0.73
C LYS B 132 10.86 37.00 0.12
N SER B 133 9.86 36.14 0.34
CA SER B 133 8.49 36.42 -0.08
C SER B 133 7.68 37.17 0.99
N GLY B 134 8.32 37.63 2.08
CA GLY B 134 7.65 38.44 3.10
C GLY B 134 6.71 37.65 4.01
N THR B 135 6.91 36.33 4.14
CA THR B 135 6.15 35.54 5.12
C THR B 135 7.09 34.66 5.95
N ALA B 136 6.54 34.14 7.07
CA ALA B 136 7.28 33.28 7.96
C ALA B 136 6.38 32.20 8.52
N SER B 137 6.86 30.96 8.43
CA SER B 137 6.12 29.82 8.92
C SER B 137 7.08 28.95 9.71
N VAL B 138 6.78 28.84 10.99
CA VAL B 138 7.51 27.93 11.84
C VAL B 138 6.73 26.64 11.89
N VAL B 139 7.39 25.51 11.68
CA VAL B 139 6.70 24.22 11.65
C VAL B 139 7.20 23.34 12.80
N CYS B 140 6.27 22.84 13.60
CA CYS B 140 6.54 21.92 14.70
C CYS B 140 6.07 20.56 14.22
N LEU B 141 6.97 19.58 14.23
CA LEU B 141 6.65 18.22 13.85
C LEU B 141 6.67 17.31 15.07
N LEU B 142 5.64 16.48 15.23
CA LEU B 142 5.64 15.40 16.21
C LEU B 142 5.60 14.09 15.44
N ASN B 143 6.48 13.14 15.76
CA ASN B 143 6.64 11.97 14.90
C ASN B 143 6.30 10.68 15.67
N ASN B 144 5.42 9.86 15.06
CA ASN B 144 5.17 8.48 15.47
C ASN B 144 4.79 8.36 16.96
N PHE B 145 3.73 9.07 17.38
CA PHE B 145 3.20 9.01 18.75
C PHE B 145 1.84 8.31 18.80
N TYR B 146 1.52 7.66 19.93
CA TYR B 146 0.21 7.06 20.16
C TYR B 146 -0.15 7.28 21.64
N PRO B 147 -1.37 7.72 22.01
CA PRO B 147 -2.49 7.96 21.10
C PRO B 147 -2.51 9.32 20.40
N ARG B 148 -3.58 9.54 19.61
CA ARG B 148 -3.73 10.71 18.76
C ARG B 148 -3.80 12.01 19.56
N GLU B 149 -4.23 11.94 20.83
CA GLU B 149 -4.46 13.13 21.63
C GLU B 149 -3.10 13.66 22.07
N ALA B 150 -2.68 14.78 21.44
CA ALA B 150 -1.44 15.49 21.79
C ALA B 150 -1.66 17.00 21.74
N LYS B 151 -1.16 17.74 22.74
CA LYS B 151 -1.31 19.20 22.76
C LYS B 151 -0.01 19.87 22.32
N VAL B 152 -0.13 20.85 21.41
CA VAL B 152 1.00 21.65 20.97
C VAL B 152 0.76 23.11 21.33
N GLN B 153 1.67 23.73 22.07
CA GLN B 153 1.53 25.14 22.33
C GLN B 153 2.66 25.89 21.66
N TRP B 154 2.31 27.03 21.07
CA TRP B 154 3.27 27.93 20.47
C TRP B 154 3.57 29.08 21.43
N LYS B 155 4.86 29.26 21.73
CA LYS B 155 5.31 30.39 22.53
C LYS B 155 6.31 31.20 21.70
N VAL B 156 6.00 32.49 21.56
CA VAL B 156 6.89 33.45 20.92
C VAL B 156 7.28 34.47 21.97
N ASP B 157 8.55 34.46 22.38
CA ASP B 157 9.04 35.31 23.45
C ASP B 157 8.29 34.97 24.73
N ASN B 158 8.07 33.67 24.96
CA ASN B 158 7.46 33.17 26.18
C ASN B 158 5.99 33.57 26.27
N ALA B 159 5.37 33.94 25.14
CA ALA B 159 3.99 34.40 25.09
C ALA B 159 3.19 33.43 24.22
N LEU B 160 2.03 33.01 24.72
CA LEU B 160 1.23 31.94 24.11
C LEU B 160 0.48 32.52 22.91
N GLN B 161 0.53 31.82 21.77
CA GLN B 161 -0.13 32.28 20.55
C GLN B 161 -1.52 31.66 20.44
N SER B 162 -2.47 32.39 19.83
CA SER B 162 -3.80 31.84 19.55
C SER B 162 -4.25 32.15 18.14
N GLY B 163 -4.84 31.14 17.48
CA GLY B 163 -5.55 31.33 16.20
C GLY B 163 -4.64 31.79 15.07
N ASN B 164 -3.32 31.55 15.22
CA ASN B 164 -2.34 31.84 14.17
C ASN B 164 -1.53 30.58 13.82
N SER B 165 -2.05 29.41 14.22
CA SER B 165 -1.45 28.12 13.90
C SER B 165 -2.52 27.12 13.49
N GLN B 166 -2.12 26.09 12.73
CA GLN B 166 -3.02 25.02 12.31
C GLN B 166 -2.31 23.67 12.43
N GLU B 167 -3.04 22.68 12.98
CA GLU B 167 -2.56 21.32 13.17
C GLU B 167 -2.99 20.47 11.95
N SER B 168 -2.26 19.38 11.73
CA SER B 168 -2.67 18.40 10.74
C SER B 168 -2.09 17.05 11.14
N VAL B 169 -2.96 16.02 11.17
CA VAL B 169 -2.58 14.69 11.63
C VAL B 169 -2.61 13.72 10.44
N THR B 170 -1.64 12.81 10.36
CA THR B 170 -1.68 11.73 9.37
C THR B 170 -2.58 10.61 9.87
N GLU B 171 -2.92 9.68 8.98
CA GLU B 171 -3.68 8.52 9.42
C GLU B 171 -2.72 7.57 10.16
N GLN B 172 -3.24 6.56 10.87
CA GLN B 172 -2.37 5.60 11.54
C GLN B 172 -1.31 5.00 10.60
N ASP B 173 -0.05 4.91 11.03
CA ASP B 173 0.97 4.32 10.18
C ASP B 173 0.70 2.83 10.08
N SER B 174 1.02 2.26 8.91
CA SER B 174 0.83 0.86 8.59
C SER B 174 1.81 -0.03 9.38
N LYS B 175 2.95 0.53 9.84
CA LYS B 175 3.99 -0.21 10.54
C LYS B 175 3.88 -0.01 12.05
N ASP B 176 3.87 1.25 12.49
CA ASP B 176 3.99 1.62 13.89
C ASP B 176 2.61 1.62 14.55
N SER B 177 1.57 1.95 13.78
CA SER B 177 0.24 2.15 14.31
C SER B 177 0.17 3.46 15.11
N THR B 178 0.98 4.44 14.69
CA THR B 178 1.13 5.72 15.37
C THR B 178 0.73 6.86 14.44
N TYR B 179 0.49 8.04 15.04
CA TYR B 179 0.13 9.24 14.33
C TYR B 179 1.35 10.16 14.24
N SER B 180 1.25 11.12 13.32
CA SER B 180 2.23 12.18 13.19
C SER B 180 1.49 13.48 13.01
N LEU B 181 2.04 14.57 13.58
CA LEU B 181 1.33 15.84 13.60
C LEU B 181 2.25 16.93 13.08
N SER B 182 1.65 17.95 12.45
CA SER B 182 2.40 19.09 11.98
C SER B 182 1.63 20.35 12.32
N SER B 183 2.17 21.17 13.24
CA SER B 183 1.58 22.45 13.56
C SER B 183 2.37 23.56 12.85
N THR B 184 1.69 24.48 12.16
CA THR B 184 2.37 25.51 11.39
C THR B 184 1.91 26.87 11.88
N LEU B 185 2.83 27.62 12.50
CA LEU B 185 2.59 28.96 12.99
C LEU B 185 2.98 29.93 11.89
N THR B 186 2.04 30.78 11.47
CA THR B 186 2.32 31.69 10.37
C THR B 186 2.24 33.12 10.89
N LEU B 187 3.32 33.89 10.66
CA LEU B 187 3.36 35.31 10.94
C LEU B 187 3.82 36.05 9.69
N SER B 188 3.62 37.38 9.73
CA SER B 188 4.25 38.29 8.80
C SER B 188 5.77 38.28 8.97
N LYS B 189 6.53 38.63 7.91
CA LYS B 189 7.99 38.75 7.99
C LYS B 189 8.35 39.88 8.98
N ALA B 190 7.58 40.97 8.93
CA ALA B 190 7.73 42.09 9.84
C ALA B 190 7.58 41.62 11.30
N ASP B 191 6.54 40.82 11.58
CA ASP B 191 6.23 40.33 12.92
C ASP B 191 7.32 39.34 13.35
N TYR B 192 7.81 38.54 12.41
CA TYR B 192 8.84 37.54 12.72
C TYR B 192 10.14 38.23 13.13
N GLU B 193 10.56 39.25 12.39
CA GLU B 193 11.80 39.96 12.67
C GLU B 193 11.72 40.71 14.00
N LYS B 194 10.53 40.82 14.62
CA LYS B 194 10.32 41.59 15.83
C LYS B 194 10.65 40.76 17.07
N HIS B 195 10.44 39.45 17.03
CA HIS B 195 10.64 38.62 18.20
C HIS B 195 11.82 37.66 18.00
N LYS B 196 12.27 37.04 19.11
CA LYS B 196 13.50 36.27 19.11
C LYS B 196 13.24 34.79 19.31
N VAL B 197 12.61 34.41 20.42
CA VAL B 197 12.52 32.99 20.78
C VAL B 197 11.23 32.35 20.28
N TYR B 198 11.33 31.36 19.37
CA TYR B 198 10.18 30.67 18.82
C TYR B 198 10.19 29.22 19.27
N ALA B 199 9.07 28.74 19.81
CA ALA B 199 9.11 27.43 20.46
C ALA B 199 7.75 26.71 20.46
N CYS B 200 7.80 25.37 20.47
CA CYS B 200 6.60 24.58 20.71
C CYS B 200 6.77 23.65 21.91
N GLU B 201 5.78 23.71 22.81
CA GLU B 201 5.71 22.91 24.03
C GLU B 201 4.71 21.78 23.78
N VAL B 202 5.27 20.57 23.60
CA VAL B 202 4.51 19.39 23.26
C VAL B 202 4.16 18.62 24.53
N THR B 203 2.87 18.42 24.73
CA THR B 203 2.33 17.71 25.88
C THR B 203 1.71 16.40 25.39
N HIS B 204 2.31 15.27 25.76
CA HIS B 204 1.77 13.99 25.37
C HIS B 204 1.76 13.02 26.55
N GLN B 205 0.85 12.07 26.47
CA GLN B 205 0.68 11.00 27.45
C GLN B 205 1.92 10.13 27.63
N GLY B 206 2.73 10.01 26.57
CA GLY B 206 3.91 9.17 26.63
C GLY B 206 5.13 9.90 27.21
N LEU B 207 4.98 11.20 27.41
CA LEU B 207 6.01 12.03 28.00
C LEU B 207 5.69 12.22 29.48
N SER B 208 6.73 12.20 30.31
CA SER B 208 6.56 12.57 31.71
C SER B 208 6.27 14.07 31.83
N SER B 209 7.04 14.91 31.15
CA SER B 209 6.87 16.35 31.25
C SER B 209 6.96 16.97 29.86
N PRO B 210 6.23 18.09 29.62
CA PRO B 210 6.18 18.73 28.31
C PRO B 210 7.55 19.08 27.76
N VAL B 211 7.88 18.46 26.61
CA VAL B 211 9.11 18.75 25.89
C VAL B 211 8.93 20.04 25.10
N THR B 212 9.97 20.88 25.07
CA THR B 212 9.95 22.09 24.26
C THR B 212 11.06 22.07 23.23
N LYS B 213 10.75 22.36 21.96
CA LYS B 213 11.81 22.65 21.00
C LYS B 213 11.76 24.14 20.67
N SER B 214 12.93 24.78 20.75
CA SER B 214 13.00 26.20 20.41
C SER B 214 14.16 26.52 19.50
N PHE B 215 14.11 27.75 18.97
CA PHE B 215 15.24 28.38 18.33
C PHE B 215 15.15 29.90 18.50
N ASN B 216 16.29 30.57 18.44
CA ASN B 216 16.32 32.02 18.40
C ASN B 216 16.57 32.45 16.95
N ARG B 217 15.77 33.40 16.45
CA ARG B 217 15.96 33.92 15.10
C ARG B 217 17.35 34.53 14.92
N GLY B 218 18.20 33.89 14.10
CA GLY B 218 19.61 34.19 13.92
C GLY B 218 20.53 33.55 14.99
N GLU B 219 20.65 32.22 15.13
CA GLU B 219 21.54 31.62 16.16
C GLU B 219 22.68 30.79 15.53
N ASN C 1 -30.58 -12.52 -13.47
CA ASN C 1 -31.86 -13.19 -13.85
C ASN C 1 -32.80 -12.13 -14.43
N LYS C 2 -34.03 -12.55 -14.76
CA LYS C 2 -35.01 -11.75 -15.49
C LYS C 2 -36.41 -12.02 -14.92
N ILE C 3 -37.35 -11.10 -15.11
CA ILE C 3 -38.71 -11.32 -14.66
C ILE C 3 -39.46 -12.08 -15.77
N LEU C 4 -40.43 -12.94 -15.43
CA LEU C 4 -41.25 -13.57 -16.46
C LEU C 4 -42.52 -12.78 -16.73
N VAL C 5 -43.06 -12.91 -17.96
CA VAL C 5 -44.23 -12.14 -18.34
C VAL C 5 -45.23 -13.09 -18.96
N LYS C 6 -46.44 -13.13 -18.38
CA LYS C 6 -47.58 -13.84 -18.95
C LYS C 6 -48.62 -12.79 -19.34
N GLN C 7 -48.99 -12.74 -20.63
CA GLN C 7 -50.10 -11.91 -21.06
C GLN C 7 -50.96 -12.72 -22.02
N SER C 8 -52.28 -12.50 -21.93
CA SER C 8 -53.26 -13.16 -22.78
C SER C 8 -52.80 -13.09 -24.22
N PRO C 9 -52.97 -14.19 -24.99
CA PRO C 9 -52.55 -14.21 -26.38
C PRO C 9 -53.51 -13.40 -27.25
N MET C 10 -54.78 -13.26 -26.85
CA MET C 10 -55.74 -12.53 -27.66
C MET C 10 -56.72 -11.77 -26.77
N LEU C 11 -57.09 -10.56 -27.18
CA LEU C 11 -58.13 -9.77 -26.54
C LEU C 11 -58.93 -9.03 -27.60
N VAL C 12 -60.26 -9.14 -27.55
CA VAL C 12 -61.09 -8.31 -28.41
C VAL C 12 -61.55 -7.10 -27.62
N ALA C 13 -61.18 -5.91 -28.13
CA ALA C 13 -61.70 -4.64 -27.63
C ALA C 13 -63.18 -4.49 -28.02
N TYR C 14 -64.03 -4.31 -27.02
CA TYR C 14 -65.43 -4.05 -27.30
C TYR C 14 -65.71 -2.62 -26.87
N ASP C 15 -66.39 -1.91 -27.78
CA ASP C 15 -66.69 -0.51 -27.61
C ASP C 15 -65.39 0.28 -27.45
N ASN C 16 -64.37 -0.16 -28.22
CA ASN C 16 -63.10 0.54 -28.35
C ASN C 16 -62.29 0.56 -27.03
N ALA C 17 -62.53 -0.37 -26.10
CA ALA C 17 -61.79 -0.45 -24.87
C ALA C 17 -61.45 -1.90 -24.52
N VAL C 18 -60.38 -2.07 -23.75
CA VAL C 18 -59.85 -3.37 -23.35
C VAL C 18 -59.03 -3.23 -22.05
N ASN C 19 -58.79 -4.35 -21.36
CA ASN C 19 -58.00 -4.39 -20.13
C ASN C 19 -56.88 -5.40 -20.33
N LEU C 20 -55.66 -4.86 -20.48
CA LEU C 20 -54.50 -5.70 -20.72
C LEU C 20 -53.72 -5.87 -19.40
N SER C 21 -53.90 -7.04 -18.79
CA SER C 21 -53.18 -7.44 -17.59
C SER C 21 -51.82 -8.03 -17.95
N CYS C 22 -50.75 -7.55 -17.32
CA CYS C 22 -49.42 -8.11 -17.53
C CYS C 22 -48.97 -8.81 -16.26
N LYS C 23 -48.82 -10.14 -16.31
CA LYS C 23 -48.55 -10.91 -15.10
C LYS C 23 -47.05 -11.15 -15.03
N TYR C 24 -46.45 -10.70 -13.91
CA TYR C 24 -45.02 -10.81 -13.71
C TYR C 24 -44.72 -11.94 -12.72
N SER C 25 -43.46 -12.37 -12.72
CA SER C 25 -42.99 -13.34 -11.75
C SER C 25 -42.21 -12.58 -10.68
N TYR C 26 -42.82 -11.52 -10.12
CA TYR C 26 -42.15 -10.68 -9.14
C TYR C 26 -43.16 -9.85 -8.34
N ASN C 27 -42.85 -9.62 -7.05
CA ASN C 27 -43.80 -9.01 -6.12
C ASN C 27 -43.70 -7.49 -6.26
N LEU C 28 -44.61 -6.88 -7.03
CA LEU C 28 -44.56 -5.44 -7.29
C LEU C 28 -45.20 -4.61 -6.19
N PHE C 29 -45.76 -5.26 -5.16
CA PHE C 29 -46.22 -4.52 -3.99
C PHE C 29 -44.99 -3.97 -3.29
N SER C 30 -45.04 -2.66 -2.98
CA SER C 30 -43.96 -1.98 -2.29
C SER C 30 -42.67 -2.12 -3.08
N ARG C 31 -42.72 -1.67 -4.34
CA ARG C 31 -41.54 -1.70 -5.19
C ARG C 31 -41.52 -0.43 -6.02
N GLU C 32 -40.31 0.06 -6.30
CA GLU C 32 -40.12 1.11 -7.27
C GLU C 32 -39.93 0.48 -8.65
N PHE C 33 -40.91 0.65 -9.54
CA PHE C 33 -40.88 -0.02 -10.84
C PHE C 33 -41.32 0.94 -11.97
N ARG C 34 -41.08 0.50 -13.21
CA ARG C 34 -41.51 1.21 -14.41
C ARG C 34 -42.06 0.19 -15.39
N ALA C 35 -43.39 0.09 -15.49
CA ALA C 35 -44.04 -0.79 -16.45
C ALA C 35 -44.31 -0.06 -17.78
N SER C 36 -44.35 -0.82 -18.89
CA SER C 36 -44.50 -0.24 -20.21
C SER C 36 -45.38 -1.14 -21.03
N LEU C 37 -46.10 -0.50 -21.96
CA LEU C 37 -46.79 -1.20 -23.02
C LEU C 37 -46.25 -0.67 -24.34
N HIS C 38 -45.85 -1.59 -25.24
CA HIS C 38 -45.35 -1.22 -26.56
C HIS C 38 -46.17 -1.88 -27.66
N LYS C 39 -46.42 -1.14 -28.74
CA LYS C 39 -47.27 -1.62 -29.81
C LYS C 39 -46.38 -1.84 -31.02
N GLY C 40 -46.63 -2.95 -31.74
CA GLY C 40 -45.94 -3.24 -32.97
C GLY C 40 -44.91 -4.35 -32.80
N LEU C 41 -44.66 -5.06 -33.90
CA LEU C 41 -43.73 -6.18 -33.91
C LEU C 41 -42.31 -5.69 -33.58
N ASP C 42 -41.98 -4.51 -34.12
CA ASP C 42 -40.69 -3.87 -33.92
C ASP C 42 -40.66 -3.09 -32.61
N SER C 43 -41.69 -3.24 -31.74
CA SER C 43 -41.85 -2.57 -30.44
C SER C 43 -41.48 -1.09 -30.46
N ALA C 44 -41.75 -0.40 -31.58
CA ALA C 44 -41.37 1.00 -31.74
C ALA C 44 -42.16 1.90 -30.79
N VAL C 45 -43.49 1.95 -30.97
CA VAL C 45 -44.36 2.87 -30.26
C VAL C 45 -44.53 2.43 -28.81
N GLU C 46 -44.37 3.37 -27.87
CA GLU C 46 -44.62 3.11 -26.45
C GLU C 46 -46.00 3.65 -26.11
N VAL C 47 -46.97 2.79 -25.90
CA VAL C 47 -48.36 3.17 -25.67
C VAL C 47 -48.55 3.81 -24.28
N CYS C 48 -47.97 3.20 -23.24
CA CYS C 48 -48.29 3.59 -21.86
C CYS C 48 -47.13 3.26 -20.92
N VAL C 49 -46.97 4.10 -19.88
CA VAL C 49 -45.87 3.97 -18.94
C VAL C 49 -46.39 4.14 -17.52
N VAL C 50 -46.43 3.05 -16.74
CA VAL C 50 -46.97 3.08 -15.40
C VAL C 50 -45.79 2.97 -14.45
N TYR C 51 -45.44 4.06 -13.76
CA TYR C 51 -44.39 4.06 -12.73
C TYR C 51 -44.98 3.75 -11.36
N GLY C 52 -44.33 2.83 -10.64
CA GLY C 52 -44.80 2.43 -9.31
C GLY C 52 -43.89 2.92 -8.19
N ASN C 53 -44.52 3.27 -7.06
CA ASN C 53 -43.88 3.79 -5.86
C ASN C 53 -43.78 2.72 -4.78
N TYR C 54 -42.96 3.02 -3.77
CA TYR C 54 -42.80 2.15 -2.63
C TYR C 54 -44.10 2.14 -1.84
N SER C 55 -44.76 3.31 -1.75
CA SER C 55 -46.00 3.43 -1.01
C SER C 55 -47.17 3.14 -1.95
N GLN C 56 -46.93 2.25 -2.92
CA GLN C 56 -47.92 1.67 -3.83
C GLN C 56 -48.73 2.73 -4.55
N GLN C 57 -48.12 3.87 -4.86
CA GLN C 57 -48.79 4.90 -5.62
C GLN C 57 -48.39 4.77 -7.08
N LEU C 58 -49.24 5.27 -7.99
CA LEU C 58 -48.99 5.10 -9.41
C LEU C 58 -48.92 6.45 -10.13
N GLN C 59 -47.98 6.56 -11.09
CA GLN C 59 -47.89 7.69 -11.99
C GLN C 59 -48.03 7.18 -13.43
N VAL C 60 -49.25 7.23 -14.00
CA VAL C 60 -49.53 6.70 -15.33
C VAL C 60 -49.33 7.80 -16.40
N TYR C 61 -48.70 7.46 -17.53
CA TYR C 61 -48.46 8.39 -18.63
C TYR C 61 -48.89 7.75 -19.96
N SER C 62 -49.58 8.50 -20.83
CA SER C 62 -50.05 8.01 -22.13
C SER C 62 -49.39 8.82 -23.24
N LYS C 63 -48.55 8.22 -24.10
CA LYS C 63 -47.49 9.02 -24.69
C LYS C 63 -47.76 9.37 -26.15
N THR C 64 -48.45 8.45 -26.84
CA THR C 64 -48.42 8.44 -28.29
C THR C 64 -49.84 8.58 -28.85
N GLY C 65 -50.68 9.34 -28.14
CA GLY C 65 -52.07 9.51 -28.54
C GLY C 65 -52.92 8.26 -28.24
N PHE C 66 -52.67 7.70 -27.04
CA PHE C 66 -53.49 6.66 -26.46
C PHE C 66 -54.15 7.15 -25.18
N ASN C 67 -55.32 6.61 -24.88
CA ASN C 67 -56.07 6.91 -23.68
C ASN C 67 -55.77 5.76 -22.71
N CYS C 68 -54.76 5.91 -21.85
CA CYS C 68 -54.35 4.85 -20.95
C CYS C 68 -54.62 5.18 -19.49
N ASP C 69 -54.94 4.13 -18.71
CA ASP C 69 -55.15 4.16 -17.27
C ASP C 69 -54.49 2.92 -16.67
N GLY C 70 -54.01 3.01 -15.41
CA GLY C 70 -53.21 1.93 -14.79
C GLY C 70 -53.76 1.45 -13.43
N LYS C 71 -53.73 0.14 -13.17
CA LYS C 71 -54.10 -0.44 -11.88
C LYS C 71 -53.06 -1.46 -11.42
N LEU C 72 -52.60 -1.36 -10.16
CA LEU C 72 -51.56 -2.24 -9.61
C LEU C 72 -52.18 -3.39 -8.81
N GLY C 73 -51.55 -4.58 -8.85
CA GLY C 73 -52.11 -5.73 -8.16
C GLY C 73 -51.13 -6.89 -8.00
N ASN C 74 -50.38 -6.82 -6.88
CA ASN C 74 -49.51 -7.89 -6.43
C ASN C 74 -48.43 -8.12 -7.50
N GLU C 75 -48.59 -9.17 -8.32
CA GLU C 75 -47.59 -9.55 -9.31
C GLU C 75 -48.07 -9.18 -10.72
N SER C 76 -48.72 -8.01 -10.84
CA SER C 76 -49.31 -7.62 -12.11
C SER C 76 -49.56 -6.11 -12.18
N VAL C 77 -49.63 -5.64 -13.43
CA VAL C 77 -50.06 -4.31 -13.77
C VAL C 77 -51.16 -4.45 -14.81
N THR C 78 -52.24 -3.69 -14.72
CA THR C 78 -53.27 -3.71 -15.75
C THR C 78 -53.34 -2.39 -16.51
N PHE C 79 -53.29 -2.45 -17.84
CA PHE C 79 -53.42 -1.27 -18.68
C PHE C 79 -54.83 -1.20 -19.25
N TYR C 80 -55.59 -0.17 -18.85
CA TYR C 80 -56.94 0.04 -19.33
C TYR C 80 -56.91 1.02 -20.51
N LEU C 81 -56.92 0.50 -21.74
CA LEU C 81 -56.93 1.34 -22.93
C LEU C 81 -58.36 1.67 -23.35
N GLN C 82 -58.68 2.96 -23.44
CA GLN C 82 -59.97 3.45 -23.88
C GLN C 82 -59.83 4.23 -25.20
N ASN C 83 -60.96 4.50 -25.87
CA ASN C 83 -61.02 5.23 -27.14
C ASN C 83 -60.02 4.71 -28.17
N LEU C 84 -59.74 3.40 -28.19
CA LEU C 84 -58.88 2.80 -29.21
C LEU C 84 -59.54 2.95 -30.59
N TYR C 85 -58.73 3.19 -31.61
CA TYR C 85 -59.21 3.16 -33.00
C TYR C 85 -59.14 1.73 -33.56
N VAL C 86 -59.97 1.45 -34.55
CA VAL C 86 -59.99 0.14 -35.18
C VAL C 86 -58.65 -0.11 -35.86
N ASN C 87 -57.99 0.97 -36.33
CA ASN C 87 -56.71 0.92 -37.02
C ASN C 87 -55.56 0.63 -36.04
N GLN C 88 -55.87 0.44 -34.75
CA GLN C 88 -54.87 0.17 -33.74
C GLN C 88 -54.79 -1.33 -33.42
N THR C 89 -55.47 -2.16 -34.22
CA THR C 89 -55.42 -3.60 -34.04
C THR C 89 -54.00 -4.09 -34.29
N ASP C 90 -53.36 -4.68 -33.29
CA ASP C 90 -51.91 -4.93 -33.38
C ASP C 90 -51.48 -5.87 -32.25
N ILE C 91 -50.18 -6.16 -32.21
CA ILE C 91 -49.58 -6.87 -31.11
C ILE C 91 -49.06 -5.86 -30.11
N TYR C 92 -49.33 -6.12 -28.81
CA TYR C 92 -48.91 -5.23 -27.75
C TYR C 92 -48.04 -6.03 -26.78
N PHE C 93 -46.98 -5.42 -26.28
CA PHE C 93 -46.04 -6.12 -25.42
C PHE C 93 -45.87 -5.39 -24.09
N CYS C 94 -45.92 -6.17 -23.02
CA CYS C 94 -45.67 -5.68 -21.68
C CYS C 94 -44.18 -5.70 -21.41
N LYS C 95 -43.69 -4.60 -20.81
CA LYS C 95 -42.31 -4.44 -20.41
C LYS C 95 -42.29 -4.00 -18.94
N ILE C 96 -41.25 -4.35 -18.18
CA ILE C 96 -41.15 -4.01 -16.76
C ILE C 96 -39.69 -3.82 -16.39
N GLU C 97 -39.40 -2.86 -15.48
CA GLU C 97 -38.15 -2.83 -14.72
C GLU C 97 -38.39 -2.56 -13.23
N VAL C 98 -37.70 -3.30 -12.35
CA VAL C 98 -37.72 -3.03 -10.93
C VAL C 98 -36.39 -2.40 -10.51
N MET C 99 -36.41 -1.37 -9.66
CA MET C 99 -35.18 -0.73 -9.21
C MET C 99 -34.94 -0.92 -7.71
N TYR C 100 -36.01 -0.86 -6.92
CA TYR C 100 -35.91 -0.99 -5.47
C TYR C 100 -37.10 -1.79 -4.96
N PRO C 101 -36.93 -2.67 -3.95
CA PRO C 101 -35.61 -3.01 -3.40
C PRO C 101 -34.80 -3.85 -4.38
N PRO C 102 -33.45 -3.77 -4.34
CA PRO C 102 -32.59 -4.46 -5.31
C PRO C 102 -32.78 -5.97 -5.31
N PRO C 103 -32.35 -6.66 -6.39
CA PRO C 103 -31.69 -5.99 -7.51
C PRO C 103 -32.55 -5.36 -8.62
N TYR C 104 -31.87 -4.58 -9.47
CA TYR C 104 -32.39 -4.07 -10.73
C TYR C 104 -32.65 -5.25 -11.66
N LEU C 105 -33.88 -5.37 -12.17
CA LEU C 105 -34.26 -6.45 -13.08
C LEU C 105 -35.12 -5.88 -14.20
N ASP C 106 -35.10 -6.54 -15.37
CA ASP C 106 -35.98 -6.25 -16.50
C ASP C 106 -36.61 -7.58 -16.89
N ASN C 107 -37.58 -7.54 -17.82
CA ASN C 107 -38.34 -8.73 -18.19
C ASN C 107 -37.78 -9.43 -19.43
N GLU C 108 -37.97 -10.75 -19.49
CA GLU C 108 -37.65 -11.56 -20.66
C GLU C 108 -38.78 -11.41 -21.66
N LYS C 109 -38.44 -11.00 -22.88
CA LYS C 109 -39.36 -10.73 -23.96
C LYS C 109 -40.64 -11.58 -23.91
N SER C 110 -41.81 -10.96 -23.72
CA SER C 110 -43.07 -11.69 -23.68
C SER C 110 -43.53 -12.01 -25.11
N ASN C 111 -44.45 -12.97 -25.21
CA ASN C 111 -45.01 -13.39 -26.48
C ASN C 111 -45.93 -12.29 -27.02
N GLY C 112 -46.48 -11.46 -26.15
CA GLY C 112 -47.31 -10.36 -26.61
C GLY C 112 -48.80 -10.71 -26.49
N THR C 113 -49.64 -9.80 -26.98
CA THR C 113 -51.08 -9.97 -26.95
C THR C 113 -51.66 -9.23 -28.14
N ILE C 114 -52.44 -9.97 -28.93
CA ILE C 114 -53.08 -9.42 -30.11
C ILE C 114 -54.36 -8.76 -29.63
N ILE C 115 -54.46 -7.46 -29.87
CA ILE C 115 -55.70 -6.76 -29.61
C ILE C 115 -56.43 -6.55 -30.93
N HIS C 116 -57.64 -7.13 -31.04
CA HIS C 116 -58.52 -6.85 -32.16
C HIS C 116 -59.49 -5.75 -31.74
N VAL C 117 -59.35 -4.55 -32.31
CA VAL C 117 -60.33 -3.49 -32.05
C VAL C 117 -61.48 -3.52 -33.07
N LYS C 118 -62.73 -3.79 -32.64
CA LYS C 118 -63.87 -4.05 -33.53
C LYS C 118 -64.77 -2.83 -33.83
N GLU D 1 9.75 5.22 16.27
CA GLU D 1 10.04 4.82 14.87
C GLU D 1 11.52 4.48 14.78
N VAL D 2 11.74 3.18 14.64
CA VAL D 2 13.08 2.66 14.39
C VAL D 2 13.35 2.87 12.90
N GLN D 3 14.56 3.35 12.60
CA GLN D 3 14.95 3.54 11.21
C GLN D 3 16.35 2.98 11.01
N LEU D 4 16.52 2.26 9.90
CA LEU D 4 17.81 1.82 9.42
C LEU D 4 17.95 2.32 7.99
N LEU D 5 18.97 3.12 7.67
CA LEU D 5 19.14 3.59 6.31
C LEU D 5 20.51 3.20 5.74
N GLU D 6 20.51 2.33 4.72
CA GLU D 6 21.72 1.91 4.04
C GLU D 6 22.13 2.96 3.00
N SER D 7 23.44 2.99 2.71
CA SER D 7 24.01 3.82 1.65
C SER D 7 25.36 3.23 1.26
N GLY D 8 25.96 3.74 0.17
CA GLY D 8 27.30 3.33 -0.26
C GLY D 8 27.31 2.28 -1.37
N GLY D 9 26.13 1.79 -1.79
CA GLY D 9 26.01 0.84 -2.89
C GLY D 9 25.92 1.56 -4.24
N GLY D 10 25.73 0.78 -5.31
CA GLY D 10 25.83 1.26 -6.70
C GLY D 10 26.69 0.31 -7.55
N LEU D 11 27.33 0.84 -8.60
CA LEU D 11 28.03 -0.01 -9.56
C LEU D 11 29.52 0.00 -9.25
N VAL D 12 30.17 -1.18 -9.23
CA VAL D 12 31.61 -1.28 -8.99
C VAL D 12 32.23 -2.37 -9.87
N GLN D 13 33.50 -2.16 -10.24
CA GLN D 13 34.23 -3.08 -11.11
C GLN D 13 34.61 -4.34 -10.33
N PRO D 14 34.64 -5.54 -10.97
CA PRO D 14 35.14 -6.75 -10.28
C PRO D 14 36.59 -6.57 -9.86
N GLY D 15 36.93 -7.07 -8.67
CA GLY D 15 38.26 -6.90 -8.10
C GLY D 15 38.33 -5.67 -7.21
N GLY D 16 37.43 -4.70 -7.45
CA GLY D 16 37.47 -3.41 -6.78
C GLY D 16 36.83 -3.45 -5.39
N SER D 17 36.73 -2.27 -4.77
CA SER D 17 36.35 -2.17 -3.37
C SER D 17 35.20 -1.18 -3.22
N LEU D 18 34.38 -1.41 -2.19
CA LEU D 18 33.19 -0.60 -1.92
C LEU D 18 32.90 -0.67 -0.43
N ARG D 19 32.41 0.43 0.17
CA ARG D 19 32.11 0.47 1.60
C ARG D 19 30.65 0.88 1.82
N LEU D 20 29.89 -0.03 2.45
CA LEU D 20 28.48 0.19 2.73
C LEU D 20 28.34 0.70 4.15
N SER D 21 27.30 1.52 4.38
CA SER D 21 27.02 2.09 5.69
C SER D 21 25.53 1.91 5.98
N CYS D 22 25.19 1.77 7.26
CA CYS D 22 23.82 1.61 7.72
C CYS D 22 23.64 2.44 8.98
N ALA D 23 22.93 3.56 8.86
CA ALA D 23 22.77 4.48 9.97
C ALA D 23 21.50 4.09 10.71
N ALA D 24 21.52 4.23 12.04
CA ALA D 24 20.44 3.76 12.89
C ALA D 24 19.93 4.85 13.81
N SER D 25 18.62 4.79 14.08
CA SER D 25 17.97 5.68 15.01
C SER D 25 16.71 5.00 15.57
N GLY D 26 16.22 5.50 16.70
CA GLY D 26 15.00 4.98 17.29
C GLY D 26 15.26 3.81 18.22
N PHE D 27 16.55 3.53 18.56
CA PHE D 27 16.89 2.52 19.55
C PHE D 27 18.32 2.70 20.06
N THR D 28 18.66 2.04 21.18
CA THR D 28 20.01 2.14 21.71
C THR D 28 20.95 1.27 20.88
N PHE D 29 21.65 1.87 19.90
CA PHE D 29 22.43 1.15 18.90
C PHE D 29 23.40 0.16 19.54
N SER D 30 24.13 0.58 20.58
CA SER D 30 25.19 -0.19 21.21
C SER D 30 24.67 -1.37 22.05
N SER D 31 23.35 -1.42 22.29
CA SER D 31 22.74 -2.50 23.04
C SER D 31 22.43 -3.72 22.17
N TYR D 32 22.56 -3.62 20.83
CA TYR D 32 22.12 -4.71 19.96
C TYR D 32 23.21 -5.15 18.98
N ALA D 33 23.22 -6.47 18.70
CA ALA D 33 24.03 -7.04 17.64
C ALA D 33 23.43 -6.66 16.29
N MET D 34 24.28 -6.44 15.30
CA MET D 34 23.84 -6.03 13.98
C MET D 34 24.36 -7.04 12.99
N SER D 35 23.65 -7.20 11.87
CA SER D 35 24.05 -8.09 10.79
C SER D 35 23.91 -7.40 9.44
N TRP D 36 24.66 -7.93 8.47
CA TRP D 36 24.40 -7.68 7.07
C TRP D 36 23.86 -8.95 6.44
N VAL D 37 22.77 -8.82 5.68
CA VAL D 37 22.15 -9.92 4.95
C VAL D 37 22.03 -9.46 3.50
N ARG D 38 22.42 -10.32 2.53
CA ARG D 38 22.34 -9.94 1.13
C ARG D 38 21.38 -10.86 0.37
N GLN D 39 20.79 -10.31 -0.71
CA GLN D 39 19.83 -11.06 -1.50
C GLN D 39 20.07 -10.74 -2.97
N ALA D 40 20.60 -11.71 -3.71
CA ALA D 40 20.88 -11.54 -5.12
C ALA D 40 19.56 -11.36 -5.87
N PRO D 41 19.50 -10.60 -7.01
CA PRO D 41 18.23 -10.34 -7.70
C PRO D 41 17.48 -11.63 -8.03
N GLY D 42 16.24 -11.75 -7.53
CA GLY D 42 15.41 -12.95 -7.66
C GLY D 42 15.95 -14.21 -6.96
N LYS D 43 16.79 -14.10 -5.92
CA LYS D 43 17.26 -15.27 -5.19
C LYS D 43 16.85 -15.17 -3.71
N GLY D 44 17.31 -16.14 -2.90
CA GLY D 44 17.03 -16.18 -1.47
C GLY D 44 17.99 -15.28 -0.67
N LEU D 45 17.80 -15.31 0.65
CA LEU D 45 18.54 -14.48 1.58
C LEU D 45 19.81 -15.22 1.96
N GLU D 46 20.90 -14.48 2.02
CA GLU D 46 22.17 -15.05 2.44
C GLU D 46 22.76 -14.14 3.51
N TRP D 47 22.96 -14.69 4.70
CA TRP D 47 23.59 -13.97 5.80
C TRP D 47 25.06 -13.73 5.47
N VAL D 48 25.56 -12.50 5.76
CA VAL D 48 26.89 -12.10 5.36
C VAL D 48 27.79 -12.04 6.58
N SER D 49 27.41 -11.29 7.61
CA SER D 49 28.26 -11.13 8.78
C SER D 49 27.46 -10.53 9.94
N ALA D 50 28.03 -10.65 11.14
CA ALA D 50 27.40 -10.15 12.35
C ALA D 50 28.46 -9.57 13.29
N ILE D 51 28.05 -8.55 14.05
CA ILE D 51 28.94 -7.86 14.97
C ILE D 51 28.19 -7.60 16.28
N SER D 52 28.91 -7.77 17.40
CA SER D 52 28.29 -7.59 18.71
C SER D 52 28.01 -6.11 18.93
N GLY D 53 27.20 -5.79 19.95
CA GLY D 53 26.88 -4.41 20.31
C GLY D 53 28.12 -3.56 20.62
N SER D 54 29.20 -4.21 21.06
CA SER D 54 30.45 -3.55 21.42
C SER D 54 31.43 -3.54 20.26
N GLY D 55 31.28 -4.47 19.33
CA GLY D 55 32.18 -4.60 18.20
C GLY D 55 33.29 -5.60 18.47
N GLY D 56 33.33 -6.18 19.69
CA GLY D 56 34.39 -7.07 20.12
C GLY D 56 34.37 -8.44 19.43
N SER D 57 33.16 -8.86 19.07
CA SER D 57 32.97 -10.14 18.41
C SER D 57 32.45 -9.91 16.99
N THR D 58 33.19 -10.43 15.99
CA THR D 58 32.73 -10.41 14.60
C THR D 58 32.71 -11.84 14.06
N TYR D 59 31.66 -12.13 13.26
CA TYR D 59 31.45 -13.39 12.56
C TYR D 59 31.26 -13.11 11.06
N TYR D 60 31.72 -14.06 10.22
CA TYR D 60 31.61 -13.91 8.77
C TYR D 60 31.11 -15.20 8.13
N ALA D 61 30.43 -15.04 6.98
CA ALA D 61 30.00 -16.18 6.19
C ALA D 61 31.20 -16.73 5.45
N ASP D 62 31.11 -18.02 5.09
CA ASP D 62 32.17 -18.70 4.37
C ASP D 62 32.50 -17.92 3.09
N SER D 63 31.50 -17.44 2.33
CA SER D 63 31.72 -16.82 1.01
C SER D 63 32.46 -15.47 1.07
N VAL D 64 32.35 -14.77 2.21
CA VAL D 64 32.86 -13.41 2.29
C VAL D 64 34.10 -13.34 3.18
N LYS D 65 34.59 -14.48 3.67
CA LYS D 65 35.73 -14.49 4.59
C LYS D 65 36.97 -13.96 3.87
N GLY D 66 37.74 -13.13 4.58
CA GLY D 66 39.01 -12.64 4.07
C GLY D 66 38.84 -11.40 3.19
N ARG D 67 37.61 -11.12 2.72
CA ARG D 67 37.39 -10.04 1.77
C ARG D 67 36.52 -8.94 2.35
N PHE D 68 35.56 -9.29 3.22
CA PHE D 68 34.65 -8.31 3.80
C PHE D 68 35.02 -8.06 5.26
N THR D 69 34.80 -6.81 5.74
CA THR D 69 35.05 -6.48 7.13
C THR D 69 33.85 -5.72 7.69
N ILE D 70 33.22 -6.30 8.72
CA ILE D 70 32.11 -5.63 9.41
C ILE D 70 32.66 -4.86 10.61
N SER D 71 32.27 -3.58 10.71
CA SER D 71 32.71 -2.66 11.76
C SER D 71 31.55 -1.77 12.21
N ARG D 72 31.75 -1.03 13.30
CA ARG D 72 30.69 -0.16 13.80
C ARG D 72 31.27 0.99 14.61
N ASP D 73 30.55 2.12 14.58
CA ASP D 73 30.91 3.32 15.31
C ASP D 73 29.71 3.66 16.19
N ASN D 74 29.80 3.36 17.48
CA ASN D 74 28.62 3.51 18.31
C ASN D 74 28.39 5.01 18.56
N SER D 75 29.46 5.82 18.48
CA SER D 75 29.35 7.26 18.62
C SER D 75 28.54 7.87 17.48
N LYS D 76 28.58 7.28 16.29
CA LYS D 76 27.86 7.77 15.13
C LYS D 76 26.59 6.96 14.85
N ASN D 77 26.29 5.93 15.65
CA ASN D 77 25.17 4.99 15.43
C ASN D 77 25.14 4.47 13.99
N THR D 78 26.32 4.14 13.45
CA THR D 78 26.48 3.70 12.07
C THR D 78 27.21 2.36 12.06
N LEU D 79 26.83 1.49 11.11
CA LEU D 79 27.40 0.16 10.93
C LEU D 79 28.00 0.12 9.55
N TYR D 80 29.21 -0.40 9.41
CA TYR D 80 29.92 -0.38 8.12
C TYR D 80 30.17 -1.80 7.63
N LEU D 81 30.31 -1.91 6.31
CA LEU D 81 30.73 -3.13 5.64
C LEU D 81 31.78 -2.77 4.59
N GLN D 82 33.02 -3.23 4.81
CA GLN D 82 34.10 -2.94 3.88
C GLN D 82 34.27 -4.15 2.97
N MET D 83 33.72 -4.05 1.74
CA MET D 83 33.80 -5.10 0.76
C MET D 83 35.04 -4.85 -0.11
N ASN D 84 36.00 -5.81 -0.08
CA ASN D 84 37.19 -5.76 -0.92
C ASN D 84 37.23 -6.96 -1.85
N SER D 85 37.99 -6.86 -2.94
CA SER D 85 38.19 -7.96 -3.87
C SER D 85 36.84 -8.53 -4.35
N LEU D 86 35.89 -7.62 -4.61
CA LEU D 86 34.54 -7.99 -5.00
C LEU D 86 34.54 -8.86 -6.23
N ARG D 87 33.56 -9.76 -6.30
CA ARG D 87 33.36 -10.63 -7.43
C ARG D 87 31.96 -10.35 -7.98
N ALA D 88 31.68 -10.87 -9.19
CA ALA D 88 30.37 -10.70 -9.79
C ALA D 88 29.29 -11.27 -8.88
N GLU D 89 29.61 -12.40 -8.23
CA GLU D 89 28.70 -13.16 -7.36
C GLU D 89 28.20 -12.31 -6.19
N ASP D 90 28.99 -11.32 -5.77
CA ASP D 90 28.62 -10.47 -4.66
C ASP D 90 27.54 -9.47 -5.03
N THR D 91 26.94 -9.60 -6.21
CA THR D 91 25.89 -8.68 -6.61
C THR D 91 24.65 -9.12 -5.86
N ALA D 92 24.06 -8.16 -5.14
CA ALA D 92 22.90 -8.43 -4.32
C ALA D 92 22.37 -7.11 -3.75
N VAL D 93 21.15 -7.12 -3.23
CA VAL D 93 20.72 -6.03 -2.39
C VAL D 93 21.28 -6.31 -0.99
N TYR D 94 22.00 -5.35 -0.42
CA TYR D 94 22.60 -5.51 0.89
C TYR D 94 21.74 -4.82 1.96
N TYR D 95 21.11 -5.66 2.81
CA TYR D 95 20.32 -5.21 3.95
C TYR D 95 21.14 -5.19 5.23
N CYS D 96 20.89 -4.21 6.13
CA CYS D 96 21.39 -4.26 7.49
C CYS D 96 20.23 -4.56 8.43
N ALA D 97 20.45 -5.47 9.39
CA ALA D 97 19.38 -5.94 10.25
C ALA D 97 19.76 -5.76 11.72
N LYS D 98 18.77 -5.38 12.53
CA LYS D 98 18.89 -5.32 13.98
C LYS D 98 18.40 -6.65 14.55
N SER D 99 19.22 -7.22 15.44
CA SER D 99 18.91 -8.50 16.04
C SER D 99 18.52 -8.36 17.52
N TYR D 100 17.54 -9.18 17.92
CA TYR D 100 17.13 -9.44 19.30
C TYR D 100 16.28 -10.70 19.28
N GLY D 101 16.93 -11.87 19.46
CA GLY D 101 16.23 -13.16 19.40
C GLY D 101 15.93 -13.65 17.97
N ALA D 102 15.81 -12.69 17.03
CA ALA D 102 15.99 -12.90 15.59
C ALA D 102 16.22 -11.54 14.92
N PHE D 103 16.21 -11.40 13.59
CA PHE D 103 16.31 -10.09 12.97
C PHE D 103 14.94 -9.39 13.00
N ASP D 104 14.69 -8.58 14.05
CA ASP D 104 13.38 -7.94 14.24
C ASP D 104 13.22 -6.69 13.34
N TYR D 105 14.29 -6.10 12.82
CA TYR D 105 14.14 -4.91 11.98
C TYR D 105 15.16 -4.91 10.86
N TRP D 106 14.73 -4.58 9.64
CA TRP D 106 15.56 -4.59 8.44
C TRP D 106 15.48 -3.26 7.71
N GLY D 107 16.60 -2.87 7.11
CA GLY D 107 16.64 -1.65 6.33
C GLY D 107 16.07 -1.89 4.93
N GLN D 108 15.98 -0.83 4.13
CA GLN D 108 15.40 -0.89 2.78
C GLN D 108 16.31 -1.66 1.83
N GLY D 109 17.62 -1.58 2.06
CA GLY D 109 18.58 -2.26 1.20
C GLY D 109 19.30 -1.25 0.32
N THR D 110 20.54 -1.58 -0.05
CA THR D 110 21.31 -0.80 -1.01
C THR D 110 21.81 -1.77 -2.07
N LEU D 111 21.63 -1.42 -3.36
CA LEU D 111 21.86 -2.38 -4.43
C LEU D 111 23.30 -2.23 -4.88
N VAL D 112 24.04 -3.32 -4.72
CA VAL D 112 25.40 -3.40 -5.19
C VAL D 112 25.39 -4.25 -6.45
N THR D 113 25.79 -3.64 -7.57
CA THR D 113 26.01 -4.33 -8.82
C THR D 113 27.51 -4.40 -9.08
N VAL D 114 28.04 -5.63 -9.22
CA VAL D 114 29.45 -5.79 -9.55
C VAL D 114 29.54 -6.23 -11.01
N SER D 115 30.01 -5.30 -11.87
CA SER D 115 30.05 -5.54 -13.30
C SER D 115 31.07 -4.62 -13.99
N SER D 116 31.63 -5.14 -15.10
CA SER D 116 32.55 -4.38 -15.94
C SER D 116 31.78 -3.40 -16.82
N ALA D 117 30.47 -3.55 -16.91
CA ALA D 117 29.65 -2.80 -17.85
C ALA D 117 29.59 -1.34 -17.45
N SER D 118 29.45 -0.47 -18.47
CA SER D 118 29.28 0.96 -18.29
C SER D 118 27.81 1.32 -18.10
N THR D 119 27.62 2.50 -17.52
CA THR D 119 26.29 3.00 -17.16
C THR D 119 25.64 3.55 -18.41
N LYS D 120 24.40 3.12 -18.64
CA LYS D 120 23.66 3.60 -19.80
C LYS D 120 22.31 4.17 -19.36
N GLY D 121 22.04 5.39 -19.82
CA GLY D 121 20.75 6.03 -19.59
C GLY D 121 19.70 5.40 -20.49
N PRO D 122 18.45 5.22 -20.01
CA PRO D 122 17.40 4.56 -20.78
C PRO D 122 16.78 5.44 -21.85
N SER D 123 16.28 4.79 -22.90
CA SER D 123 15.40 5.43 -23.86
C SER D 123 13.96 5.13 -23.44
N VAL D 124 13.11 6.16 -23.47
CA VAL D 124 11.70 5.97 -23.18
C VAL D 124 10.88 6.18 -24.46
N PHE D 125 10.06 5.17 -24.75
CA PHE D 125 9.18 5.20 -25.89
C PHE D 125 7.75 5.05 -25.41
N PRO D 126 6.78 5.69 -26.10
CA PRO D 126 5.37 5.49 -25.78
C PRO D 126 4.77 4.22 -26.34
N LEU D 127 3.82 3.65 -25.59
CA LEU D 127 2.99 2.58 -26.10
C LEU D 127 1.60 3.17 -26.29
N ALA D 128 1.32 3.62 -27.53
CA ALA D 128 0.10 4.36 -27.83
C ALA D 128 -1.12 3.46 -27.72
N PRO D 129 -2.23 3.95 -27.10
CA PRO D 129 -3.50 3.24 -27.11
C PRO D 129 -4.14 3.41 -28.48
N SER D 130 -3.97 2.39 -29.34
CA SER D 130 -4.56 2.42 -30.66
C SER D 130 -5.78 1.50 -30.67
N SER D 131 -6.29 1.15 -31.85
CA SER D 131 -7.40 0.21 -31.93
C SER D 131 -6.89 -1.20 -31.63
N LYS D 132 -5.60 -1.46 -31.88
CA LYS D 132 -4.92 -2.73 -31.62
C LYS D 132 -4.68 -2.93 -30.12
N SER D 133 -4.71 -1.82 -29.38
CA SER D 133 -4.57 -1.79 -27.94
C SER D 133 -5.94 -1.66 -27.26
N THR D 134 -7.03 -2.24 -27.84
CA THR D 134 -8.38 -2.24 -27.25
C THR D 134 -8.97 -3.66 -27.32
N SER D 135 -9.68 -4.08 -26.27
CA SER D 135 -9.99 -5.49 -26.08
C SER D 135 -11.16 -5.67 -25.09
N GLY D 136 -12.38 -5.70 -25.65
CA GLY D 136 -13.58 -5.95 -24.89
C GLY D 136 -13.99 -4.74 -24.04
N GLY D 137 -13.94 -3.55 -24.65
CA GLY D 137 -14.33 -2.30 -24.01
C GLY D 137 -13.21 -1.66 -23.18
N THR D 138 -12.08 -2.38 -23.00
CA THR D 138 -10.92 -1.91 -22.26
C THR D 138 -9.84 -1.48 -23.25
N ALA D 139 -9.06 -0.45 -22.89
CA ALA D 139 -7.95 0.03 -23.70
C ALA D 139 -6.70 0.09 -22.84
N ALA D 140 -5.53 -0.06 -23.44
CA ALA D 140 -4.30 -0.01 -22.68
C ALA D 140 -3.27 0.91 -23.34
N LEU D 141 -2.31 1.37 -22.54
CA LEU D 141 -1.22 2.22 -22.99
C LEU D 141 -0.08 2.02 -22.01
N GLY D 142 1.07 2.62 -22.30
CA GLY D 142 2.19 2.47 -21.39
C GLY D 142 3.48 3.11 -21.92
N CYS D 143 4.59 2.68 -21.31
CA CYS D 143 5.90 3.23 -21.57
C CYS D 143 6.92 2.11 -21.58
N LEU D 144 7.80 2.18 -22.57
CA LEU D 144 8.87 1.23 -22.69
C LEU D 144 10.15 1.94 -22.33
N VAL D 145 10.84 1.40 -21.33
CA VAL D 145 12.09 1.91 -20.88
C VAL D 145 13.13 0.91 -21.33
N LYS D 146 13.84 1.25 -22.41
CA LYS D 146 14.74 0.28 -23.03
C LYS D 146 16.20 0.66 -22.77
N ASP D 147 17.04 -0.39 -22.70
CA ASP D 147 18.51 -0.34 -22.76
C ASP D 147 19.12 0.60 -21.74
N TYR D 148 19.17 0.16 -20.48
CA TYR D 148 19.77 0.98 -19.43
C TYR D 148 20.59 0.06 -18.53
N PHE D 149 21.56 0.64 -17.79
CA PHE D 149 22.40 -0.13 -16.90
C PHE D 149 23.02 0.83 -15.90
N PRO D 150 23.09 0.51 -14.58
CA PRO D 150 22.50 -0.69 -13.99
C PRO D 150 21.10 -0.45 -13.44
N GLU D 151 20.59 -1.45 -12.69
CA GLU D 151 19.32 -1.28 -11.99
C GLU D 151 19.54 -0.25 -10.88
N PRO D 152 18.54 0.58 -10.51
CA PRO D 152 17.18 0.51 -11.02
C PRO D 152 16.65 1.78 -11.67
N VAL D 153 15.38 1.72 -12.09
CA VAL D 153 14.67 2.86 -12.62
C VAL D 153 13.36 2.98 -11.87
N THR D 154 12.86 4.19 -11.77
CA THR D 154 11.62 4.41 -11.08
C THR D 154 10.63 4.88 -12.15
N VAL D 155 9.43 4.29 -12.13
CA VAL D 155 8.40 4.62 -13.08
C VAL D 155 7.19 5.08 -12.31
N SER D 156 6.55 6.19 -12.74
CA SER D 156 5.31 6.63 -12.13
C SER D 156 4.37 7.10 -13.24
N TRP D 157 3.07 7.21 -12.92
CA TRP D 157 2.11 7.75 -13.89
C TRP D 157 1.47 9.00 -13.32
N ASN D 158 1.44 10.06 -14.15
CA ASN D 158 0.86 11.34 -13.79
C ASN D 158 1.50 11.90 -12.51
N SER D 159 2.82 11.74 -12.38
CA SER D 159 3.68 12.23 -11.30
C SER D 159 3.32 11.57 -9.97
N GLY D 160 2.85 10.32 -9.98
CA GLY D 160 2.54 9.62 -8.73
C GLY D 160 1.02 9.52 -8.48
N ALA D 161 0.23 10.29 -9.25
CA ALA D 161 -1.23 10.41 -9.07
C ALA D 161 -2.00 9.18 -9.56
N LEU D 162 -1.62 8.62 -10.71
CA LEU D 162 -2.31 7.46 -11.26
C LEU D 162 -1.68 6.16 -10.75
N THR D 163 -2.50 5.34 -10.04
CA THR D 163 -2.11 4.00 -9.62
C THR D 163 -3.18 2.96 -9.95
N SER D 164 -4.41 3.38 -10.24
CA SER D 164 -5.49 2.47 -10.55
C SER D 164 -5.27 1.79 -11.90
N GLY D 165 -5.14 0.45 -11.87
CA GLY D 165 -5.01 -0.34 -13.09
C GLY D 165 -3.62 -0.26 -13.72
N VAL D 166 -2.64 0.16 -12.91
CA VAL D 166 -1.26 0.31 -13.35
C VAL D 166 -0.52 -1.00 -13.08
N HIS D 167 0.25 -1.47 -14.07
CA HIS D 167 1.09 -2.64 -13.93
C HIS D 167 2.50 -2.24 -14.37
N THR D 168 3.45 -2.09 -13.43
CA THR D 168 4.84 -1.90 -13.82
C THR D 168 5.61 -3.21 -13.66
N PHE D 169 6.17 -3.68 -14.77
CA PHE D 169 6.76 -5.01 -14.84
C PHE D 169 8.23 -5.04 -14.38
N PRO D 170 8.66 -6.20 -13.84
CA PRO D 170 10.05 -6.48 -13.54
C PRO D 170 10.90 -6.31 -14.79
N ALA D 171 12.01 -5.59 -14.64
CA ALA D 171 12.97 -5.44 -15.70
C ALA D 171 13.54 -6.81 -16.04
N VAL D 172 13.87 -7.02 -17.30
CA VAL D 172 14.55 -8.25 -17.70
C VAL D 172 15.90 -7.83 -18.28
N LEU D 173 16.90 -8.74 -18.18
CA LEU D 173 18.22 -8.48 -18.75
C LEU D 173 18.29 -9.00 -20.17
N GLN D 174 18.60 -8.11 -21.13
CA GLN D 174 18.70 -8.48 -22.53
C GLN D 174 20.05 -9.15 -22.78
N SER D 175 20.16 -9.88 -23.90
CA SER D 175 21.43 -10.52 -24.27
C SER D 175 22.53 -9.47 -24.47
N SER D 176 22.12 -8.20 -24.66
CA SER D 176 23.05 -7.08 -24.84
C SER D 176 23.69 -6.66 -23.51
N GLY D 177 23.16 -7.19 -22.40
CA GLY D 177 23.67 -6.85 -21.08
C GLY D 177 22.99 -5.61 -20.51
N LEU D 178 22.01 -5.05 -21.23
CA LEU D 178 21.26 -3.90 -20.76
C LEU D 178 19.87 -4.34 -20.29
N TYR D 179 19.33 -3.64 -19.29
CA TYR D 179 18.01 -3.93 -18.75
C TYR D 179 16.94 -3.23 -19.57
N SER D 180 15.73 -3.76 -19.53
CA SER D 180 14.62 -3.17 -20.25
C SER D 180 13.30 -3.53 -19.56
N LEU D 181 12.44 -2.53 -19.30
CA LEU D 181 11.18 -2.81 -18.64
C LEU D 181 10.08 -1.92 -19.20
N SER D 182 8.86 -2.45 -19.15
CA SER D 182 7.68 -1.73 -19.60
C SER D 182 6.76 -1.49 -18.40
N SER D 183 6.00 -0.39 -18.46
CA SER D 183 4.95 -0.07 -17.52
C SER D 183 3.70 0.23 -18.29
N VAL D 184 2.54 -0.31 -17.86
CA VAL D 184 1.30 -0.08 -18.60
C VAL D 184 0.19 0.36 -17.65
N VAL D 185 -0.90 0.84 -18.25
CA VAL D 185 -2.10 1.15 -17.50
C VAL D 185 -3.33 0.90 -18.36
N THR D 186 -4.28 0.09 -17.84
CA THR D 186 -5.54 -0.18 -18.51
C THR D 186 -6.62 0.80 -18.04
N VAL D 187 -7.42 1.29 -18.98
CA VAL D 187 -8.48 2.26 -18.74
C VAL D 187 -9.63 1.92 -19.68
N PRO D 188 -10.91 2.18 -19.35
CA PRO D 188 -12.00 1.94 -20.31
C PRO D 188 -11.77 2.69 -21.62
N SER D 189 -12.12 2.05 -22.73
CA SER D 189 -11.85 2.64 -24.03
C SER D 189 -12.66 3.93 -24.24
N SER D 190 -13.73 4.12 -23.46
CA SER D 190 -14.55 5.33 -23.59
C SER D 190 -13.97 6.51 -22.82
N SER D 191 -12.91 6.31 -22.04
CA SER D 191 -12.27 7.38 -21.30
C SER D 191 -10.96 7.82 -21.96
N LEU D 192 -10.84 7.66 -23.28
CA LEU D 192 -9.54 7.88 -23.88
C LEU D 192 -9.37 9.35 -24.23
N GLY D 193 -10.40 9.90 -24.85
CA GLY D 193 -10.37 11.30 -25.21
C GLY D 193 -10.58 12.21 -23.99
N THR D 194 -10.24 11.78 -22.77
CA THR D 194 -10.62 12.56 -21.60
C THR D 194 -9.52 12.65 -20.54
N GLN D 195 -8.35 12.02 -20.76
CA GLN D 195 -7.30 12.14 -19.76
C GLN D 195 -5.95 12.07 -20.45
N THR D 196 -5.02 12.88 -19.90
CA THR D 196 -3.64 12.89 -20.35
C THR D 196 -2.80 11.99 -19.44
N TYR D 197 -2.09 11.03 -20.08
CA TYR D 197 -1.25 10.10 -19.34
C TYR D 197 0.22 10.42 -19.63
N ILE D 198 1.00 10.69 -18.57
CA ILE D 198 2.44 10.94 -18.68
C ILE D 198 3.19 9.99 -17.74
N CYS D 199 4.16 9.24 -18.30
CA CYS D 199 4.96 8.36 -17.47
C CYS D 199 6.26 9.05 -17.09
N ASN D 200 6.60 8.97 -15.81
CA ASN D 200 7.76 9.67 -15.28
C ASN D 200 8.81 8.59 -15.03
N VAL D 201 9.96 8.75 -15.70
CA VAL D 201 11.04 7.81 -15.56
C VAL D 201 12.24 8.50 -14.92
N ASN D 202 12.80 7.86 -13.91
CA ASN D 202 14.03 8.37 -13.34
C ASN D 202 15.07 7.25 -13.30
N HIS D 203 16.28 7.54 -13.82
CA HIS D 203 17.41 6.64 -13.71
C HIS D 203 18.54 7.36 -12.98
N LYS D 204 18.61 7.20 -11.66
CA LYS D 204 19.58 7.96 -10.89
C LYS D 204 21.01 7.59 -11.26
N PRO D 205 21.40 6.30 -11.53
CA PRO D 205 22.79 5.99 -11.91
C PRO D 205 23.37 6.75 -13.11
N SER D 206 22.50 7.30 -13.96
CA SER D 206 22.92 8.09 -15.09
C SER D 206 22.31 9.49 -15.09
N ASN D 207 21.63 9.88 -14.00
CA ASN D 207 20.89 11.15 -13.90
C ASN D 207 20.03 11.42 -15.14
N THR D 208 19.10 10.47 -15.37
CA THR D 208 18.15 10.56 -16.46
C THR D 208 16.76 10.78 -15.86
N LYS D 209 16.09 11.84 -16.31
CA LYS D 209 14.73 12.08 -15.88
C LYS D 209 13.92 12.40 -17.12
N VAL D 210 13.08 11.46 -17.55
CA VAL D 210 12.27 11.66 -18.74
C VAL D 210 10.79 11.65 -18.34
N ASP D 211 10.02 12.55 -18.95
CA ASP D 211 8.57 12.58 -18.84
C ASP D 211 8.05 12.29 -20.24
N LYS D 212 7.50 11.10 -20.46
CA LYS D 212 6.88 10.79 -21.74
C LYS D 212 5.36 10.90 -21.67
N ARG D 213 4.80 11.78 -22.54
CA ARG D 213 3.39 12.00 -22.68
C ARG D 213 2.88 11.03 -23.74
N VAL D 214 1.95 10.16 -23.36
CA VAL D 214 1.45 9.12 -24.23
C VAL D 214 0.14 9.57 -24.86
N GLU D 215 0.21 9.78 -26.19
CA GLU D 215 -0.92 10.24 -26.97
C GLU D 215 -1.53 9.04 -27.70
N PRO D 216 -2.88 8.90 -27.73
CA PRO D 216 -3.53 7.85 -28.50
C PRO D 216 -3.40 8.12 -30.00
N LYS D 217 -2.62 7.28 -30.69
CA LYS D 217 -2.60 7.32 -32.15
C LYS D 217 -3.83 6.60 -32.75
N SER D 218 -4.37 7.14 -33.85
CA SER D 218 -5.47 6.53 -34.60
C SER D 218 -5.08 6.38 -36.08
N ASP E 1 28.10 -24.34 8.53
CA ASP E 1 27.65 -25.54 7.77
C ASP E 1 26.36 -26.13 8.33
N ILE E 2 25.48 -25.36 9.00
CA ILE E 2 24.12 -25.86 9.25
C ILE E 2 23.28 -25.50 8.02
N VAL E 3 22.69 -26.50 7.37
CA VAL E 3 21.94 -26.28 6.14
C VAL E 3 20.45 -26.31 6.43
N MET E 4 19.72 -25.33 5.89
CA MET E 4 18.26 -25.26 6.04
C MET E 4 17.58 -25.56 4.71
N THR E 5 16.65 -26.54 4.71
CA THR E 5 15.96 -26.96 3.49
C THR E 5 14.46 -26.83 3.68
N GLN E 6 13.79 -26.01 2.87
CA GLN E 6 12.35 -25.84 3.01
C GLN E 6 11.64 -26.70 2.00
N SER E 7 10.37 -27.03 2.25
CA SER E 7 9.53 -27.71 1.26
C SER E 7 8.05 -27.39 1.52
N PRO E 8 7.22 -27.15 0.49
CA PRO E 8 7.68 -27.08 -0.90
C PRO E 8 8.43 -25.81 -1.31
N ASP E 9 8.93 -25.78 -2.56
CA ASP E 9 9.51 -24.58 -3.14
C ASP E 9 8.41 -23.55 -3.43
N SER E 10 7.20 -24.02 -3.81
CA SER E 10 6.07 -23.16 -4.17
C SER E 10 4.77 -23.80 -3.68
N LEU E 11 3.77 -22.99 -3.31
CA LEU E 11 2.56 -23.44 -2.63
C LEU E 11 1.40 -22.49 -2.96
N ALA E 12 0.31 -22.98 -3.53
CA ALA E 12 -0.84 -22.13 -3.84
C ALA E 12 -2.04 -22.69 -3.07
N VAL E 13 -2.62 -21.84 -2.21
CA VAL E 13 -3.76 -22.26 -1.40
C VAL E 13 -4.87 -21.21 -1.51
N SER E 14 -6.13 -21.67 -1.44
CA SER E 14 -7.30 -20.82 -1.56
C SER E 14 -7.44 -19.84 -0.38
N LEU E 15 -8.20 -18.73 -0.59
CA LEU E 15 -8.48 -17.74 0.47
C LEU E 15 -9.14 -18.42 1.64
N GLY E 16 -8.58 -18.21 2.85
CA GLY E 16 -9.19 -18.70 4.07
C GLY E 16 -8.75 -20.11 4.43
N GLU E 17 -8.05 -20.81 3.53
CA GLU E 17 -7.67 -22.20 3.75
C GLU E 17 -6.27 -22.27 4.37
N ARG E 18 -5.89 -23.47 4.82
CA ARG E 18 -4.69 -23.67 5.62
C ARG E 18 -3.46 -23.90 4.74
N ALA E 19 -2.36 -23.15 5.02
CA ALA E 19 -1.07 -23.32 4.32
C ALA E 19 -0.01 -23.80 5.31
N THR E 20 0.86 -24.71 4.84
CA THR E 20 1.85 -25.38 5.68
C THR E 20 3.19 -25.40 4.93
N ILE E 21 4.25 -24.92 5.60
CA ILE E 21 5.58 -24.86 5.02
C ILE E 21 6.52 -25.60 5.99
N ASN E 22 7.37 -26.48 5.46
CA ASN E 22 8.30 -27.25 6.27
C ASN E 22 9.69 -26.66 6.12
N CYS E 23 10.47 -26.77 7.20
CA CYS E 23 11.87 -26.39 7.21
C CYS E 23 12.68 -27.44 7.96
N LYS E 24 13.67 -28.03 7.26
CA LYS E 24 14.50 -29.09 7.81
C LYS E 24 15.93 -28.56 7.96
N SER E 25 16.43 -28.63 9.20
CA SER E 25 17.79 -28.24 9.56
C SER E 25 18.69 -29.47 9.51
N SER E 26 19.92 -29.32 8.99
CA SER E 26 20.85 -30.44 8.89
C SER E 26 21.40 -30.89 10.24
N GLN E 27 21.28 -30.03 11.27
CA GLN E 27 21.75 -30.33 12.61
C GLN E 27 20.69 -29.84 13.60
N SER E 28 20.64 -30.47 14.79
CA SER E 28 19.61 -30.16 15.77
C SER E 28 19.83 -28.76 16.36
N VAL E 29 18.90 -27.84 16.08
CA VAL E 29 18.98 -26.47 16.58
C VAL E 29 18.20 -26.37 17.89
N LEU E 30 18.10 -27.49 18.62
CA LEU E 30 17.54 -27.53 19.96
C LEU E 30 18.66 -27.31 20.96
N TYR E 31 18.65 -26.17 21.66
CA TYR E 31 19.69 -25.88 22.66
C TYR E 31 19.27 -26.53 23.96
N SER E 32 20.08 -27.48 24.45
CA SER E 32 19.61 -28.34 25.53
C SER E 32 19.54 -27.56 26.83
N SER E 33 20.42 -26.57 26.97
CA SER E 33 20.45 -25.67 28.13
C SER E 33 19.10 -25.08 28.51
N ASN E 34 18.33 -24.51 27.57
CA ASN E 34 17.05 -23.87 27.88
C ASN E 34 15.88 -24.52 27.12
N ASN E 35 16.15 -25.65 26.45
CA ASN E 35 15.13 -26.42 25.74
C ASN E 35 14.48 -25.64 24.61
N LYS E 36 15.03 -24.47 24.23
CA LYS E 36 14.49 -23.65 23.15
C LYS E 36 15.14 -24.01 21.82
N ASN E 37 14.32 -24.09 20.76
CA ASN E 37 14.84 -24.33 19.41
C ASN E 37 15.10 -23.00 18.71
N TYR E 38 16.34 -22.77 18.24
CA TYR E 38 16.70 -21.48 17.65
C TYR E 38 16.40 -21.46 16.15
N LEU E 39 15.12 -21.27 15.83
CA LEU E 39 14.67 -21.19 14.45
C LEU E 39 13.69 -20.03 14.27
N ALA E 40 13.91 -19.25 13.21
CA ALA E 40 13.09 -18.07 12.92
C ALA E 40 12.37 -18.24 11.59
N TRP E 41 11.26 -17.53 11.44
CA TRP E 41 10.53 -17.50 10.19
C TRP E 41 10.36 -16.04 9.75
N TYR E 42 10.61 -15.74 8.48
CA TYR E 42 10.37 -14.40 7.94
C TYR E 42 9.38 -14.43 6.77
N GLN E 43 8.70 -13.31 6.57
CA GLN E 43 7.78 -13.09 5.45
C GLN E 43 8.40 -12.01 4.58
N GLN E 44 8.54 -12.24 3.28
CA GLN E 44 9.04 -11.18 2.42
C GLN E 44 8.13 -10.94 1.22
N LYS E 45 7.44 -9.81 1.21
CA LYS E 45 6.62 -9.42 0.07
C LYS E 45 7.52 -8.82 -1.01
N PRO E 46 7.10 -8.78 -2.29
CA PRO E 46 7.95 -8.23 -3.35
C PRO E 46 8.39 -6.78 -3.14
N GLY E 47 9.71 -6.57 -3.33
CA GLY E 47 10.30 -5.24 -3.30
C GLY E 47 10.42 -4.68 -1.89
N GLN E 48 10.16 -5.51 -0.88
CA GLN E 48 10.19 -5.06 0.50
C GLN E 48 11.14 -5.95 1.32
N PRO E 49 11.87 -5.35 2.28
CA PRO E 49 12.75 -6.10 3.19
C PRO E 49 11.97 -7.12 4.00
N PRO E 50 12.60 -8.23 4.43
CA PRO E 50 11.87 -9.26 5.18
C PRO E 50 11.23 -8.76 6.48
N LYS E 51 10.30 -9.55 7.00
CA LYS E 51 9.61 -9.22 8.23
C LYS E 51 9.64 -10.46 9.12
N LEU E 52 10.22 -10.35 10.32
CA LEU E 52 10.18 -11.45 11.27
C LEU E 52 8.74 -11.77 11.73
N LEU E 53 8.39 -13.05 11.69
CA LEU E 53 7.10 -13.58 12.12
C LEU E 53 7.24 -14.37 13.42
N ILE E 54 8.06 -15.44 13.40
CA ILE E 54 8.23 -16.34 14.53
C ILE E 54 9.71 -16.43 14.91
N TYR E 55 10.01 -16.57 16.20
CA TYR E 55 11.36 -16.88 16.66
C TYR E 55 11.25 -17.93 17.77
N TRP E 56 12.37 -18.56 18.11
CA TRP E 56 12.41 -19.64 19.09
C TRP E 56 11.46 -20.76 18.65
N ALA E 57 11.35 -20.96 17.32
CA ALA E 57 10.51 -21.99 16.70
C ALA E 57 9.00 -21.68 16.73
N SER E 58 8.44 -21.23 17.88
CA SER E 58 7.00 -21.06 18.02
C SER E 58 6.61 -19.74 18.69
N THR E 59 7.55 -18.97 19.25
CA THR E 59 7.21 -17.69 19.87
C THR E 59 6.95 -16.64 18.78
N ARG E 60 5.75 -16.07 18.80
CA ARG E 60 5.33 -15.13 17.78
C ARG E 60 5.72 -13.70 18.16
N GLU E 61 6.34 -12.99 17.21
CA GLU E 61 6.80 -11.62 17.38
C GLU E 61 5.60 -10.67 17.53
N SER E 62 5.84 -9.55 18.24
CA SER E 62 4.89 -8.47 18.46
C SER E 62 4.25 -8.05 17.15
N GLY E 63 2.91 -8.03 17.12
CA GLY E 63 2.17 -7.50 15.98
C GLY E 63 1.80 -8.57 14.96
N VAL E 64 2.42 -9.74 15.02
CA VAL E 64 2.14 -10.79 14.05
C VAL E 64 0.82 -11.44 14.42
N PRO E 65 -0.14 -11.54 13.48
CA PRO E 65 -1.46 -12.11 13.75
C PRO E 65 -1.42 -13.52 14.34
N ASP E 66 -2.50 -13.82 15.09
CA ASP E 66 -2.82 -15.10 15.69
C ASP E 66 -2.63 -16.27 14.70
N ARG E 67 -2.85 -16.08 13.39
CA ARG E 67 -2.96 -17.16 12.40
C ARG E 67 -1.60 -17.80 12.06
N PHE E 68 -0.51 -17.03 12.18
CA PHE E 68 0.82 -17.57 11.98
C PHE E 68 1.23 -18.36 13.23
N SER E 69 1.74 -19.59 13.03
CA SER E 69 2.09 -20.47 14.15
C SER E 69 3.22 -21.43 13.79
N GLY E 70 4.33 -21.33 14.54
CA GLY E 70 5.47 -22.22 14.33
C GLY E 70 5.39 -23.46 15.22
N SER E 71 5.96 -24.60 14.78
CA SER E 71 5.87 -25.87 15.51
C SER E 71 7.01 -26.81 15.13
N GLY E 72 7.35 -27.75 16.05
CA GLY E 72 8.43 -28.70 15.83
C GLY E 72 9.66 -28.43 16.72
N SER E 73 10.62 -29.38 16.70
CA SER E 73 11.84 -29.28 17.49
C SER E 73 12.91 -30.15 16.85
N GLY E 74 14.17 -29.90 17.19
CA GLY E 74 15.26 -30.71 16.67
C GLY E 74 15.66 -30.26 15.27
N THR E 75 15.17 -30.96 14.23
CA THR E 75 15.60 -30.69 12.86
C THR E 75 14.40 -30.41 11.95
N ASP E 76 13.20 -30.95 12.21
CA ASP E 76 12.05 -30.65 11.37
C ASP E 76 11.12 -29.65 12.08
N PHE E 77 10.66 -28.65 11.31
CA PHE E 77 9.83 -27.55 11.80
C PHE E 77 8.73 -27.25 10.81
N THR E 78 7.71 -26.48 11.23
CA THR E 78 6.56 -26.19 10.37
C THR E 78 5.94 -24.82 10.68
N LEU E 79 5.75 -24.01 9.63
CA LEU E 79 5.04 -22.74 9.72
C LEU E 79 3.60 -22.95 9.23
N THR E 80 2.60 -22.46 9.97
CA THR E 80 1.21 -22.68 9.59
C THR E 80 0.42 -21.36 9.57
N ILE E 81 -0.19 -21.07 8.41
CA ILE E 81 -1.14 -19.99 8.27
C ILE E 81 -2.54 -20.60 8.25
N SER E 82 -3.30 -20.37 9.33
CA SER E 82 -4.58 -21.04 9.54
C SER E 82 -5.62 -20.63 8.50
N SER E 83 -5.65 -19.33 8.22
CA SER E 83 -6.65 -18.76 7.33
C SER E 83 -5.90 -17.81 6.39
N LEU E 84 -5.53 -18.31 5.21
CA LEU E 84 -4.68 -17.52 4.30
C LEU E 84 -5.42 -16.26 3.84
N GLN E 85 -4.75 -15.11 3.99
CA GLN E 85 -5.32 -13.83 3.61
C GLN E 85 -4.64 -13.32 2.35
N ALA E 86 -5.32 -12.40 1.66
CA ALA E 86 -4.75 -11.76 0.48
C ALA E 86 -3.39 -11.15 0.81
N GLU E 87 -3.35 -10.48 1.97
CA GLU E 87 -2.17 -9.80 2.50
C GLU E 87 -1.04 -10.77 2.82
N ASP E 88 -1.17 -12.09 2.57
CA ASP E 88 -0.17 -13.03 3.05
C ASP E 88 0.68 -13.59 1.91
N VAL E 89 0.37 -13.19 0.67
CA VAL E 89 1.14 -13.61 -0.47
C VAL E 89 2.55 -13.02 -0.37
N ALA E 90 3.51 -13.89 -0.08
CA ALA E 90 4.91 -13.50 0.12
C ALA E 90 5.80 -14.74 0.02
N VAL E 91 7.12 -14.53 0.10
CA VAL E 91 8.05 -15.65 0.16
C VAL E 91 8.45 -15.82 1.62
N TYR E 92 8.27 -17.04 2.15
CA TYR E 92 8.62 -17.34 3.54
C TYR E 92 10.02 -17.97 3.61
N TYR E 93 10.82 -17.54 4.60
CA TYR E 93 12.16 -18.07 4.80
C TYR E 93 12.28 -18.60 6.23
N CYS E 94 12.94 -19.75 6.40
CA CYS E 94 13.32 -20.23 7.71
C CYS E 94 14.79 -19.90 7.96
N GLN E 95 15.22 -19.84 9.22
CA GLN E 95 16.59 -19.42 9.51
C GLN E 95 17.02 -19.99 10.86
N GLN E 96 18.22 -20.58 10.92
CA GLN E 96 18.82 -20.95 12.19
C GLN E 96 19.65 -19.78 12.72
N ASN E 97 19.52 -19.52 14.03
CA ASN E 97 20.36 -18.54 14.72
C ASN E 97 20.88 -19.19 16.00
N LEU E 98 21.19 -20.48 15.93
CA LEU E 98 21.81 -21.20 17.04
C LEU E 98 23.31 -20.91 17.08
N ARG E 99 23.99 -21.04 15.94
CA ARG E 99 25.45 -20.88 15.91
C ARG E 99 25.84 -20.24 14.59
N PRO E 100 27.00 -19.54 14.50
CA PRO E 100 27.42 -18.93 13.24
C PRO E 100 28.03 -19.99 12.33
N PRO E 101 27.92 -19.87 10.99
CA PRO E 101 27.27 -18.73 10.34
C PRO E 101 25.75 -18.87 10.30
N GLU E 102 25.01 -17.79 10.49
CA GLU E 102 23.56 -17.88 10.49
C GLU E 102 23.16 -18.24 9.07
N THR E 103 22.21 -19.18 8.90
CA THR E 103 21.88 -19.64 7.55
C THR E 103 20.37 -19.61 7.32
N PHE E 104 19.98 -19.37 6.07
CA PHE E 104 18.58 -19.29 5.71
C PHE E 104 18.14 -20.45 4.81
N GLY E 105 16.84 -20.74 4.79
CA GLY E 105 16.25 -21.61 3.79
C GLY E 105 16.12 -20.91 2.44
N GLN E 106 15.86 -21.70 1.40
CA GLN E 106 15.87 -21.17 0.04
C GLN E 106 14.64 -20.28 -0.20
N GLY E 107 13.60 -20.45 0.62
CA GLY E 107 12.37 -19.68 0.49
C GLY E 107 11.24 -20.48 -0.15
N THR E 108 10.00 -20.17 0.26
CA THR E 108 8.81 -20.84 -0.25
C THR E 108 7.84 -19.73 -0.71
N LYS E 109 7.42 -19.76 -2.00
CA LYS E 109 6.50 -18.75 -2.52
C LYS E 109 5.08 -19.22 -2.24
N VAL E 110 4.30 -18.41 -1.51
CA VAL E 110 2.90 -18.68 -1.25
C VAL E 110 2.07 -17.79 -2.16
N GLU E 111 1.08 -18.39 -2.85
CA GLU E 111 0.13 -17.70 -3.72
C GLU E 111 -1.32 -18.01 -3.32
N ILE E 112 -2.22 -17.12 -3.72
CA ILE E 112 -3.65 -17.38 -3.65
C ILE E 112 -4.09 -18.26 -4.82
N LYS E 113 -4.80 -19.36 -4.54
CA LYS E 113 -5.50 -20.13 -5.55
C LYS E 113 -6.87 -19.51 -5.79
N ARG E 114 -7.20 -19.18 -7.05
CA ARG E 114 -8.49 -18.58 -7.34
C ARG E 114 -9.10 -19.18 -8.61
N THR E 115 -10.29 -18.71 -9.00
CA THR E 115 -10.88 -19.19 -10.25
C THR E 115 -10.07 -18.71 -11.45
N VAL E 116 -10.21 -19.44 -12.55
CA VAL E 116 -9.49 -19.13 -13.76
C VAL E 116 -9.98 -17.81 -14.35
N ALA E 117 -9.05 -16.93 -14.72
CA ALA E 117 -9.34 -15.73 -15.48
C ALA E 117 -8.56 -15.73 -16.79
N ALA E 118 -9.25 -15.51 -17.90
CA ALA E 118 -8.61 -15.37 -19.19
C ALA E 118 -8.02 -13.97 -19.33
N PRO E 119 -6.85 -13.82 -19.95
CA PRO E 119 -6.25 -12.49 -20.07
C PRO E 119 -6.88 -11.62 -21.15
N SER E 120 -6.70 -10.31 -21.01
CA SER E 120 -6.97 -9.39 -22.10
C SER E 120 -5.68 -9.21 -22.86
N VAL E 121 -5.64 -9.60 -24.12
CA VAL E 121 -4.44 -9.37 -24.89
C VAL E 121 -4.52 -8.04 -25.64
N PHE E 122 -3.39 -7.31 -25.64
CA PHE E 122 -3.18 -6.06 -26.35
C PHE E 122 -1.83 -6.10 -27.03
N ILE E 123 -1.72 -5.52 -28.23
CA ILE E 123 -0.45 -5.52 -28.93
C ILE E 123 -0.12 -4.08 -29.31
N PHE E 124 1.14 -3.70 -29.08
CA PHE E 124 1.60 -2.35 -29.38
C PHE E 124 2.68 -2.42 -30.46
N PRO E 125 2.47 -1.74 -31.61
CA PRO E 125 3.48 -1.62 -32.66
C PRO E 125 4.59 -0.66 -32.23
N PRO E 126 5.81 -0.76 -32.80
CA PRO E 126 6.91 0.13 -32.41
C PRO E 126 6.59 1.59 -32.69
N SER E 127 6.96 2.45 -31.75
CA SER E 127 6.77 3.89 -31.86
C SER E 127 7.59 4.47 -33.01
N ASP E 128 7.09 5.59 -33.59
CA ASP E 128 7.79 6.27 -34.68
C ASP E 128 9.16 6.78 -34.20
N GLU E 129 9.26 7.08 -32.91
CA GLU E 129 10.45 7.66 -32.29
C GLU E 129 11.53 6.61 -32.18
N GLN E 130 11.13 5.38 -31.84
CA GLN E 130 12.09 4.29 -31.69
C GLN E 130 12.60 3.88 -33.06
N LEU E 131 11.75 3.93 -34.08
CA LEU E 131 12.16 3.61 -35.44
C LEU E 131 13.16 4.65 -35.95
N LYS E 132 13.07 5.90 -35.47
CA LYS E 132 14.06 6.92 -35.79
C LYS E 132 15.43 6.51 -35.24
N SER E 133 15.47 5.76 -34.12
CA SER E 133 16.71 5.30 -33.52
C SER E 133 17.16 3.94 -34.10
N GLY E 134 16.50 3.43 -35.15
CA GLY E 134 16.95 2.23 -35.83
C GLY E 134 16.64 0.94 -35.07
N THR E 135 15.63 0.94 -34.19
CA THR E 135 15.15 -0.30 -33.56
C THR E 135 13.62 -0.37 -33.61
N ALA E 136 13.08 -1.55 -33.32
CA ALA E 136 11.64 -1.80 -33.33
C ALA E 136 11.29 -2.76 -32.19
N SER E 137 10.29 -2.40 -31.39
CA SER E 137 9.84 -3.25 -30.29
C SER E 137 8.32 -3.41 -30.34
N VAL E 138 7.88 -4.64 -30.56
CA VAL E 138 6.47 -4.93 -30.49
C VAL E 138 6.19 -5.48 -29.10
N VAL E 139 5.17 -4.95 -28.43
CA VAL E 139 4.89 -5.36 -27.06
C VAL E 139 3.52 -6.02 -26.97
N CYS E 140 3.50 -7.23 -26.42
CA CYS E 140 2.28 -8.00 -26.22
C CYS E 140 2.00 -7.96 -24.74
N LEU E 141 0.80 -7.50 -24.39
CA LEU E 141 0.38 -7.38 -23.00
C LEU E 141 -0.75 -8.38 -22.73
N LEU E 142 -0.67 -9.12 -21.62
CA LEU E 142 -1.77 -9.96 -21.14
C LEU E 142 -2.18 -9.39 -19.80
N ASN E 143 -3.48 -9.17 -19.55
CA ASN E 143 -3.88 -8.44 -18.35
C ASN E 143 -4.78 -9.29 -17.45
N ASN E 144 -4.43 -9.34 -16.16
CA ASN E 144 -5.27 -9.85 -15.08
C ASN E 144 -5.75 -11.28 -15.35
N PHE E 145 -4.83 -12.25 -15.62
CA PHE E 145 -5.16 -13.66 -15.82
C PHE E 145 -4.76 -14.54 -14.63
N TYR E 146 -5.43 -15.69 -14.44
CA TYR E 146 -5.04 -16.69 -13.47
C TYR E 146 -5.37 -18.06 -14.08
N PRO E 147 -4.53 -19.12 -14.00
CA PRO E 147 -3.22 -19.09 -13.34
C PRO E 147 -2.05 -18.55 -14.15
N ARG E 148 -0.86 -18.50 -13.51
CA ARG E 148 0.31 -17.80 -14.04
C ARG E 148 0.81 -18.44 -15.33
N GLU E 149 0.51 -19.74 -15.55
CA GLU E 149 1.06 -20.47 -16.68
C GLU E 149 0.34 -20.01 -17.96
N ALA E 150 1.05 -19.22 -18.79
CA ALA E 150 0.56 -18.73 -20.08
C ALA E 150 1.68 -18.77 -21.13
N LYS E 151 1.38 -19.27 -22.34
CA LYS E 151 2.35 -19.31 -23.43
C LYS E 151 2.09 -18.17 -24.40
N VAL E 152 3.16 -17.45 -24.74
CA VAL E 152 3.09 -16.31 -25.64
C VAL E 152 4.03 -16.57 -26.80
N GLN E 153 3.52 -16.60 -28.02
CA GLN E 153 4.38 -16.86 -29.16
C GLN E 153 4.37 -15.67 -30.09
N TRP E 154 5.51 -15.41 -30.73
CA TRP E 154 5.63 -14.36 -31.72
C TRP E 154 5.71 -14.94 -33.13
N LYS E 155 4.85 -14.45 -34.04
CA LYS E 155 4.90 -14.82 -35.44
C LYS E 155 5.06 -13.56 -36.30
N VAL E 156 6.13 -13.52 -37.11
CA VAL E 156 6.36 -12.46 -38.08
C VAL E 156 6.29 -13.07 -39.47
N ASP E 157 5.26 -12.68 -40.25
CA ASP E 157 4.95 -13.27 -41.54
C ASP E 157 4.68 -14.75 -41.35
N ASN E 158 3.99 -15.09 -40.26
CA ASN E 158 3.59 -16.46 -39.97
C ASN E 158 4.81 -17.37 -39.71
N ALA E 159 5.92 -16.77 -39.28
CA ALA E 159 7.13 -17.48 -38.92
C ALA E 159 7.44 -17.27 -37.45
N LEU E 160 7.76 -18.36 -36.72
CA LEU E 160 7.98 -18.28 -35.29
C LEU E 160 9.34 -17.69 -34.97
N GLN E 161 9.34 -16.77 -34.00
CA GLN E 161 10.54 -16.08 -33.59
C GLN E 161 11.20 -16.82 -32.42
N SER E 162 12.54 -16.80 -32.32
CA SER E 162 13.24 -17.42 -31.21
C SER E 162 14.34 -16.51 -30.67
N GLY E 163 14.42 -16.35 -29.33
CA GLY E 163 15.55 -15.70 -28.67
C GLY E 163 15.68 -14.22 -28.99
N ASN E 164 14.58 -13.61 -29.45
CA ASN E 164 14.53 -12.17 -29.75
C ASN E 164 13.36 -11.52 -29.00
N SER E 165 12.84 -12.20 -27.98
CA SER E 165 11.72 -11.73 -27.18
C SER E 165 11.94 -12.17 -25.75
N GLN E 166 11.38 -11.42 -24.78
CA GLN E 166 11.44 -11.80 -23.38
C GLN E 166 10.12 -11.47 -22.70
N GLU E 167 9.70 -12.37 -21.80
CA GLU E 167 8.47 -12.20 -21.02
C GLU E 167 8.82 -11.60 -19.64
N SER E 168 7.81 -11.00 -19.01
CA SER E 168 7.93 -10.56 -17.63
C SER E 168 6.56 -10.56 -16.97
N VAL E 169 6.47 -11.20 -15.79
CA VAL E 169 5.21 -11.33 -15.08
C VAL E 169 5.24 -10.47 -13.81
N THR E 170 4.14 -9.78 -13.52
CA THR E 170 3.99 -9.05 -12.27
C THR E 170 3.60 -10.01 -11.15
N GLU E 171 3.69 -9.50 -9.92
CA GLU E 171 3.27 -10.28 -8.75
C GLU E 171 1.74 -10.29 -8.72
N GLN E 172 1.15 -11.20 -7.93
CA GLN E 172 -0.31 -11.23 -7.82
C GLN E 172 -0.88 -9.85 -7.50
N ASP E 173 -1.94 -9.42 -8.19
CA ASP E 173 -2.59 -8.16 -7.87
C ASP E 173 -3.28 -8.30 -6.53
N SER E 174 -3.32 -7.17 -5.81
CA SER E 174 -3.91 -7.07 -4.48
C SER E 174 -5.44 -7.20 -4.51
N LYS E 175 -6.08 -6.88 -5.66
CA LYS E 175 -7.54 -6.88 -5.76
C LYS E 175 -8.05 -8.17 -6.44
N ASP E 176 -7.50 -8.49 -7.63
CA ASP E 176 -7.99 -9.56 -8.49
C ASP E 176 -7.34 -10.86 -8.06
N SER E 177 -6.11 -10.82 -7.54
CA SER E 177 -5.32 -12.02 -7.26
C SER E 177 -4.86 -12.68 -8.56
N THR E 178 -4.62 -11.82 -9.58
CA THR E 178 -4.29 -12.24 -10.93
C THR E 178 -2.91 -11.71 -11.32
N TYR E 179 -2.33 -12.32 -12.37
CA TYR E 179 -1.03 -11.92 -12.90
C TYR E 179 -1.21 -11.11 -14.18
N SER E 180 -0.15 -10.43 -14.59
CA SER E 180 -0.12 -9.71 -15.86
C SER E 180 1.24 -9.95 -16.51
N LEU E 181 1.27 -10.01 -17.85
CA LEU E 181 2.48 -10.42 -18.55
C LEU E 181 2.81 -9.41 -19.63
N SER E 182 4.10 -9.21 -19.89
CA SER E 182 4.54 -8.34 -20.97
C SER E 182 5.68 -8.99 -21.75
N SER E 183 5.40 -9.38 -22.99
CA SER E 183 6.42 -9.93 -23.87
C SER E 183 6.88 -8.85 -24.86
N THR E 184 8.19 -8.65 -25.00
CA THR E 184 8.67 -7.62 -25.92
C THR E 184 9.55 -8.27 -26.98
N LEU E 185 9.12 -8.18 -28.24
CA LEU E 185 9.89 -8.64 -29.39
C LEU E 185 10.71 -7.48 -29.93
N THR E 186 12.03 -7.62 -29.99
CA THR E 186 12.87 -6.53 -30.47
C THR E 186 13.55 -6.97 -31.75
N LEU E 187 13.35 -6.16 -32.81
CA LEU E 187 13.93 -6.40 -34.12
C LEU E 187 14.67 -5.16 -34.53
N SER E 188 15.56 -5.34 -35.48
CA SER E 188 16.21 -4.23 -36.16
C SER E 188 15.17 -3.43 -36.96
N LYS E 189 15.47 -2.16 -37.23
CA LYS E 189 14.63 -1.32 -38.08
C LYS E 189 14.58 -1.91 -39.49
N ALA E 190 15.75 -2.39 -39.95
CA ALA E 190 15.92 -3.01 -41.25
C ALA E 190 15.00 -4.23 -41.35
N ASP E 191 14.98 -5.08 -40.30
CA ASP E 191 14.21 -6.31 -40.25
C ASP E 191 12.73 -5.96 -40.21
N TYR E 192 12.38 -4.91 -39.46
CA TYR E 192 10.99 -4.51 -39.30
C TYR E 192 10.42 -4.07 -40.65
N GLU E 193 11.14 -3.19 -41.36
CA GLU E 193 10.69 -2.65 -42.64
C GLU E 193 10.55 -3.76 -43.69
N LYS E 194 11.12 -4.96 -43.44
CA LYS E 194 11.17 -6.04 -44.43
C LYS E 194 9.90 -6.89 -44.40
N HIS E 195 9.22 -7.01 -43.25
CA HIS E 195 8.11 -7.95 -43.09
C HIS E 195 6.80 -7.20 -42.85
N LYS E 196 5.67 -7.89 -43.07
CA LYS E 196 4.35 -7.24 -43.05
C LYS E 196 3.53 -7.58 -41.80
N VAL E 197 3.22 -8.86 -41.57
CA VAL E 197 2.33 -9.23 -40.46
C VAL E 197 3.10 -9.52 -39.17
N TYR E 198 2.75 -8.82 -38.07
CA TYR E 198 3.34 -9.07 -36.75
C TYR E 198 2.25 -9.56 -35.79
N ALA E 199 2.47 -10.68 -35.08
CA ALA E 199 1.42 -11.22 -34.22
C ALA E 199 1.91 -11.96 -32.97
N CYS E 200 1.08 -11.96 -31.90
CA CYS E 200 1.32 -12.80 -30.72
C CYS E 200 0.15 -13.75 -30.47
N GLU E 201 0.49 -15.04 -30.33
CA GLU E 201 -0.46 -16.12 -30.12
C GLU E 201 -0.42 -16.49 -28.65
N VAL E 202 -1.46 -16.07 -27.93
CA VAL E 202 -1.58 -16.29 -26.49
C VAL E 202 -2.39 -17.54 -26.24
N THR E 203 -1.77 -18.47 -25.52
CA THR E 203 -2.37 -19.74 -25.15
C THR E 203 -2.53 -19.73 -23.64
N HIS E 204 -3.77 -19.76 -23.15
CA HIS E 204 -4.00 -19.82 -21.72
C HIS E 204 -5.13 -20.82 -21.41
N GLN E 205 -5.16 -21.31 -20.17
CA GLN E 205 -6.16 -22.25 -19.70
C GLN E 205 -7.57 -21.65 -19.67
N GLY E 206 -7.66 -20.34 -19.53
CA GLY E 206 -8.96 -19.68 -19.49
C GLY E 206 -9.48 -19.36 -20.90
N LEU E 207 -8.65 -19.59 -21.91
CA LEU E 207 -9.07 -19.47 -23.29
C LEU E 207 -9.47 -20.83 -23.83
N SER E 208 -10.57 -20.88 -24.59
CA SER E 208 -10.95 -22.10 -25.30
C SER E 208 -9.94 -22.39 -26.41
N SER E 209 -9.52 -21.37 -27.16
CA SER E 209 -8.52 -21.54 -28.21
C SER E 209 -7.53 -20.38 -28.14
N PRO E 210 -6.30 -20.58 -28.65
CA PRO E 210 -5.31 -19.52 -28.72
C PRO E 210 -5.81 -18.26 -29.43
N VAL E 211 -5.83 -17.17 -28.65
CA VAL E 211 -6.10 -15.84 -29.16
C VAL E 211 -4.86 -15.31 -29.87
N THR E 212 -5.05 -14.66 -31.02
CA THR E 212 -3.95 -14.02 -31.73
C THR E 212 -4.25 -12.53 -31.89
N LYS E 213 -3.32 -11.67 -31.47
CA LYS E 213 -3.44 -10.25 -31.79
C LYS E 213 -2.38 -9.92 -32.85
N SER E 214 -2.81 -9.25 -33.93
CA SER E 214 -1.89 -8.94 -35.01
C SER E 214 -2.07 -7.51 -35.53
N PHE E 215 -1.10 -7.10 -36.35
CA PHE E 215 -1.16 -5.86 -37.12
C PHE E 215 -0.24 -5.96 -38.33
N ASN E 216 -0.59 -5.21 -39.38
CA ASN E 216 0.21 -5.10 -40.59
C ASN E 216 1.02 -3.81 -40.51
N ARG E 217 2.30 -3.86 -40.86
CA ARG E 217 3.13 -2.66 -40.84
C ARG E 217 2.62 -1.70 -41.93
N GLY E 218 2.18 -0.51 -41.47
CA GLY E 218 1.48 0.46 -42.30
C GLY E 218 0.00 0.46 -41.97
N GLU E 219 -0.30 0.73 -40.68
CA GLU E 219 -1.64 0.66 -40.12
C GLU E 219 -1.73 1.66 -38.98
N CYS E 220 -2.58 1.34 -37.97
CA CYS E 220 -2.87 2.12 -36.79
C CYS E 220 -2.47 1.32 -35.51
N ASN F 1 17.91 -6.50 28.90
CA ASN F 1 18.46 -7.34 30.01
C ASN F 1 19.99 -7.28 29.96
N LYS F 2 20.62 -7.75 31.05
CA LYS F 2 22.05 -7.70 31.24
C LYS F 2 22.51 -8.98 31.96
N ILE F 3 23.79 -9.34 31.86
CA ILE F 3 24.30 -10.47 32.61
C ILE F 3 24.76 -9.95 33.96
N LEU F 4 24.63 -10.71 35.04
CA LEU F 4 25.11 -10.26 36.34
C LEU F 4 26.52 -10.79 36.59
N VAL F 5 27.31 -10.05 37.39
CA VAL F 5 28.71 -10.43 37.58
C VAL F 5 29.05 -10.37 39.06
N LYS F 6 29.44 -11.51 39.66
CA LYS F 6 29.90 -11.58 41.05
C LYS F 6 31.39 -11.90 41.01
N GLN F 7 32.24 -11.06 41.59
CA GLN F 7 33.66 -11.38 41.77
C GLN F 7 34.12 -10.93 43.14
N SER F 8 35.13 -11.63 43.69
CA SER F 8 35.66 -11.33 45.03
C SER F 8 35.94 -9.85 45.14
N PRO F 9 35.62 -9.22 46.29
CA PRO F 9 35.90 -7.80 46.46
C PRO F 9 37.40 -7.54 46.61
N MET F 10 38.15 -8.51 47.14
CA MET F 10 39.56 -8.32 47.43
C MET F 10 40.31 -9.62 47.18
N LEU F 11 41.54 -9.52 46.63
CA LEU F 11 42.42 -10.65 46.45
C LEU F 11 43.86 -10.23 46.70
N VAL F 12 44.60 -10.96 47.55
CA VAL F 12 46.01 -10.67 47.69
C VAL F 12 46.80 -11.68 46.85
N ALA F 13 47.54 -11.17 45.87
CA ALA F 13 48.42 -11.98 45.04
C ALA F 13 49.68 -12.36 45.82
N TYR F 14 49.95 -13.66 45.90
CA TYR F 14 51.19 -14.12 46.52
C TYR F 14 51.98 -14.93 45.50
N ASP F 15 53.32 -14.80 45.55
CA ASP F 15 54.23 -15.35 44.55
C ASP F 15 53.86 -14.80 43.18
N ASN F 16 53.35 -13.57 43.16
CA ASN F 16 53.06 -12.82 41.95
C ASN F 16 51.91 -13.43 41.16
N ALA F 17 50.99 -14.18 41.80
CA ALA F 17 49.94 -14.86 41.07
C ALA F 17 48.62 -14.81 41.84
N VAL F 18 47.50 -14.97 41.10
CA VAL F 18 46.15 -14.94 41.63
C VAL F 18 45.16 -15.67 40.70
N ASN F 19 43.96 -16.00 41.20
CA ASN F 19 42.89 -16.63 40.40
C ASN F 19 41.60 -15.83 40.51
N LEU F 20 41.24 -15.21 39.40
CA LEU F 20 40.10 -14.32 39.31
C LEU F 20 38.95 -15.10 38.65
N SER F 21 38.04 -15.65 39.47
CA SER F 21 36.84 -16.27 38.93
C SER F 21 35.76 -15.19 38.80
N CYS F 22 35.17 -15.07 37.61
CA CYS F 22 34.10 -14.12 37.37
C CYS F 22 32.79 -14.90 37.22
N LYS F 23 31.86 -14.68 38.16
CA LYS F 23 30.65 -15.49 38.20
C LYS F 23 29.54 -14.74 37.47
N TYR F 24 28.99 -15.35 36.42
CA TYR F 24 27.95 -14.76 35.62
C TYR F 24 26.58 -15.33 35.98
N SER F 25 25.54 -14.64 35.52
CA SER F 25 24.18 -15.12 35.73
C SER F 25 23.68 -15.76 34.44
N TYR F 26 24.50 -16.63 33.81
CA TYR F 26 24.20 -17.09 32.47
C TYR F 26 25.07 -18.30 32.12
N ASN F 27 24.52 -19.21 31.30
CA ASN F 27 25.17 -20.47 31.00
C ASN F 27 26.16 -20.24 29.87
N LEU F 28 27.46 -20.32 30.15
CA LEU F 28 28.49 -20.07 29.13
C LEU F 28 28.86 -21.34 28.36
N PHE F 29 28.29 -22.49 28.79
CA PHE F 29 28.56 -23.73 28.09
C PHE F 29 27.88 -23.68 26.73
N SER F 30 28.64 -24.02 25.69
CA SER F 30 28.15 -24.02 24.31
C SER F 30 27.65 -22.64 23.94
N ARG F 31 28.50 -21.61 24.15
CA ARG F 31 28.13 -20.26 23.80
C ARG F 31 29.31 -19.58 23.14
N GLU F 32 28.97 -18.71 22.20
CA GLU F 32 29.91 -17.82 21.58
C GLU F 32 29.97 -16.58 22.47
N PHE F 33 31.12 -16.37 23.15
CA PHE F 33 31.26 -15.25 24.08
C PHE F 33 32.66 -14.62 23.96
N ARG F 34 32.78 -13.44 24.59
CA ARG F 34 34.05 -12.73 24.71
C ARG F 34 34.14 -12.17 26.12
N ALA F 35 34.96 -12.81 26.95
CA ALA F 35 35.17 -12.36 28.32
C ALA F 35 36.40 -11.44 28.38
N SER F 36 36.40 -10.50 29.33
CA SER F 36 37.42 -9.46 29.41
C SER F 36 37.71 -9.19 30.87
N LEU F 37 38.96 -8.78 31.09
CA LEU F 37 39.39 -8.24 32.36
C LEU F 37 39.93 -6.86 32.05
N HIS F 38 39.38 -5.85 32.73
CA HIS F 38 39.85 -4.47 32.60
C HIS F 38 40.46 -4.02 33.92
N LYS F 39 41.61 -3.35 33.83
CA LYS F 39 42.30 -2.86 35.01
C LYS F 39 42.15 -1.35 35.03
N GLY F 40 41.85 -0.81 36.21
CA GLY F 40 41.83 0.63 36.39
C GLY F 40 40.45 1.19 36.66
N LEU F 41 40.43 2.27 37.44
CA LEU F 41 39.19 2.96 37.73
C LEU F 41 38.65 3.67 36.49
N ASP F 42 39.55 4.13 35.60
CA ASP F 42 39.12 4.66 34.30
C ASP F 42 38.88 3.54 33.26
N SER F 43 38.88 2.25 33.68
CA SER F 43 38.72 1.04 32.85
C SER F 43 39.45 1.09 31.51
N ALA F 44 40.61 1.76 31.44
CA ALA F 44 41.32 1.94 30.18
C ALA F 44 41.90 0.60 29.69
N VAL F 45 42.81 0.01 30.49
CA VAL F 45 43.61 -1.12 30.04
C VAL F 45 42.78 -2.41 30.07
N GLU F 46 42.85 -3.16 28.96
CA GLU F 46 42.24 -4.47 28.88
C GLU F 46 43.32 -5.52 29.11
N VAL F 47 43.30 -6.14 30.28
CA VAL F 47 44.33 -7.07 30.71
C VAL F 47 44.28 -8.37 29.89
N CYS F 48 43.07 -8.91 29.71
CA CYS F 48 42.95 -10.26 29.18
C CYS F 48 41.62 -10.43 28.48
N VAL F 49 41.62 -11.27 27.43
CA VAL F 49 40.45 -11.53 26.62
C VAL F 49 40.35 -13.03 26.36
N VAL F 50 39.34 -13.68 26.96
CA VAL F 50 39.06 -15.08 26.73
C VAL F 50 37.87 -15.18 25.79
N TYR F 51 38.12 -15.59 24.52
CA TYR F 51 37.05 -15.79 23.54
C TYR F 51 36.54 -17.22 23.62
N GLY F 52 35.22 -17.44 23.74
CA GLY F 52 34.63 -18.77 23.79
C GLY F 52 33.87 -19.12 22.51
N ASN F 53 33.89 -20.42 22.16
CA ASN F 53 33.26 -21.01 21.00
C ASN F 53 32.02 -21.79 21.37
N TYR F 54 31.27 -22.19 20.34
CA TYR F 54 30.13 -23.05 20.50
C TYR F 54 30.58 -24.43 21.00
N SER F 55 31.73 -24.88 20.51
CA SER F 55 32.24 -26.17 20.91
C SER F 55 33.17 -25.99 22.10
N GLN F 56 32.94 -24.96 22.93
CA GLN F 56 33.66 -24.66 24.15
C GLN F 56 35.17 -24.63 23.95
N GLN F 57 35.62 -24.16 22.78
CA GLN F 57 37.04 -23.96 22.56
C GLN F 57 37.36 -22.51 22.88
N LEU F 58 38.33 -22.23 23.77
CA LEU F 58 38.64 -20.83 24.04
C LEU F 58 40.05 -20.41 23.60
N GLN F 59 40.13 -19.15 23.15
CA GLN F 59 41.35 -18.49 22.73
C GLN F 59 41.69 -17.35 23.70
N VAL F 60 42.63 -17.58 24.63
CA VAL F 60 42.94 -16.63 25.70
C VAL F 60 44.16 -15.79 25.33
N TYR F 61 44.10 -14.44 25.40
CA TYR F 61 45.25 -13.63 24.97
C TYR F 61 45.28 -12.29 25.69
N SER F 62 46.46 -11.66 25.70
CA SER F 62 46.67 -10.37 26.35
C SER F 62 47.46 -9.47 25.41
N LYS F 63 46.91 -8.30 25.07
CA LYS F 63 47.63 -7.34 24.24
C LYS F 63 48.38 -6.31 25.09
N THR F 64 48.38 -6.47 26.42
CA THR F 64 48.96 -5.49 27.32
C THR F 64 50.12 -6.08 28.13
N GLY F 65 50.65 -7.25 27.74
CA GLY F 65 51.86 -7.78 28.34
C GLY F 65 51.60 -8.56 29.63
N PHE F 66 50.40 -9.12 29.83
CA PHE F 66 50.11 -9.93 31.00
C PHE F 66 50.29 -11.42 30.70
N ASN F 67 50.74 -12.16 31.72
CA ASN F 67 50.77 -13.62 31.63
C ASN F 67 49.39 -14.12 32.05
N CYS F 68 48.47 -14.12 31.08
CA CYS F 68 47.10 -14.48 31.34
C CYS F 68 46.75 -15.85 30.75
N ASP F 69 45.91 -16.60 31.50
CA ASP F 69 45.33 -17.86 31.05
C ASP F 69 43.88 -17.97 31.48
N GLY F 70 43.05 -18.76 30.78
CA GLY F 70 41.62 -18.86 31.05
C GLY F 70 41.05 -20.28 31.07
N LYS F 71 40.14 -20.55 32.04
CA LYS F 71 39.39 -21.79 32.13
C LYS F 71 37.89 -21.51 32.23
N LEU F 72 37.09 -22.23 31.42
CA LEU F 72 35.64 -22.08 31.39
C LEU F 72 34.99 -23.03 32.40
N GLY F 73 33.96 -22.55 33.09
CA GLY F 73 33.28 -23.39 34.07
C GLY F 73 31.84 -22.94 34.30
N ASN F 74 30.95 -23.40 33.41
CA ASN F 74 29.52 -23.32 33.60
C ASN F 74 29.11 -21.85 33.54
N GLU F 75 28.87 -21.24 34.70
CA GLU F 75 28.45 -19.85 34.76
C GLU F 75 29.63 -18.98 35.22
N SER F 76 30.84 -19.28 34.74
CA SER F 76 32.03 -18.55 35.15
C SER F 76 33.18 -18.69 34.16
N VAL F 77 34.08 -17.71 34.24
CA VAL F 77 35.37 -17.74 33.55
C VAL F 77 36.40 -17.50 34.65
N THR F 78 37.49 -18.26 34.66
CA THR F 78 38.58 -17.99 35.60
C THR F 78 39.79 -17.42 34.86
N PHE F 79 40.28 -16.26 35.32
CA PHE F 79 41.51 -15.69 34.81
C PHE F 79 42.66 -16.05 35.77
N TYR F 80 43.64 -16.78 35.22
CA TYR F 80 44.85 -17.10 35.94
C TYR F 80 45.91 -16.06 35.60
N LEU F 81 46.13 -15.06 36.47
CA LEU F 81 47.23 -14.13 36.24
C LEU F 81 48.51 -14.64 36.92
N GLN F 82 49.58 -14.82 36.13
CA GLN F 82 50.91 -15.11 36.64
C GLN F 82 51.85 -13.93 36.36
N ASN F 83 53.02 -13.95 37.01
CA ASN F 83 54.07 -12.94 36.83
C ASN F 83 53.56 -11.49 36.98
N LEU F 84 52.61 -11.27 37.89
CA LEU F 84 52.14 -9.92 38.17
C LEU F 84 53.25 -9.11 38.85
N TYR F 85 53.36 -7.84 38.49
CA TYR F 85 54.28 -6.92 39.18
C TYR F 85 53.56 -6.29 40.39
N VAL F 86 54.35 -5.85 41.36
CA VAL F 86 53.76 -5.23 42.52
C VAL F 86 53.05 -3.93 42.09
N ASN F 87 53.54 -3.25 41.05
CA ASN F 87 52.95 -2.00 40.57
C ASN F 87 51.66 -2.24 39.74
N GLN F 88 51.23 -3.49 39.67
CA GLN F 88 49.99 -3.82 38.99
C GLN F 88 48.82 -3.97 39.97
N THR F 89 49.06 -3.64 41.23
CA THR F 89 47.99 -3.58 42.21
C THR F 89 46.98 -2.56 41.70
N ASP F 90 45.72 -3.00 41.52
CA ASP F 90 44.68 -2.10 41.04
C ASP F 90 43.32 -2.74 41.28
N ILE F 91 42.28 -2.06 40.82
CA ILE F 91 40.95 -2.67 40.70
C ILE F 91 40.83 -3.31 39.33
N TYR F 92 40.28 -4.53 39.28
CA TYR F 92 40.10 -5.24 38.02
C TYR F 92 38.63 -5.57 37.85
N PHE F 93 38.12 -5.43 36.64
CA PHE F 93 36.71 -5.63 36.37
C PHE F 93 36.48 -6.72 35.32
N CYS F 94 35.59 -7.67 35.66
CA CYS F 94 35.18 -8.72 34.74
C CYS F 94 34.11 -8.18 33.82
N LYS F 95 34.26 -8.48 32.53
CA LYS F 95 33.40 -7.97 31.48
C LYS F 95 33.05 -9.18 30.61
N ILE F 96 31.84 -9.23 30.05
CA ILE F 96 31.38 -10.36 29.27
C ILE F 96 30.45 -9.88 28.18
N GLU F 97 30.51 -10.51 26.99
CA GLU F 97 29.44 -10.39 26.01
C GLU F 97 29.14 -11.74 25.36
N VAL F 98 27.85 -12.07 25.28
CA VAL F 98 27.36 -13.31 24.69
C VAL F 98 26.74 -12.99 23.32
N MET F 99 27.01 -13.80 22.30
CA MET F 99 26.49 -13.50 20.96
C MET F 99 25.53 -14.58 20.47
N TYR F 100 25.92 -15.85 20.68
CA TYR F 100 25.14 -16.99 20.21
C TYR F 100 25.16 -18.08 21.28
N PRO F 101 24.03 -18.78 21.55
CA PRO F 101 22.73 -18.47 20.94
C PRO F 101 22.16 -17.16 21.48
N PRO F 102 21.36 -16.45 20.66
CA PRO F 102 20.85 -15.14 21.05
C PRO F 102 20.04 -15.18 22.33
N PRO F 103 19.77 -13.99 22.94
CA PRO F 103 20.28 -12.73 22.39
C PRO F 103 21.68 -12.28 22.81
N TYR F 104 22.15 -11.21 22.15
CA TYR F 104 23.34 -10.47 22.52
C TYR F 104 23.08 -9.80 23.88
N LEU F 105 23.92 -10.09 24.88
CA LEU F 105 23.86 -9.44 26.18
C LEU F 105 25.30 -9.06 26.56
N ASP F 106 25.42 -7.94 27.27
CA ASP F 106 26.65 -7.50 27.92
C ASP F 106 26.37 -7.50 29.43
N ASN F 107 27.41 -7.29 30.23
CA ASN F 107 27.26 -7.37 31.67
C ASN F 107 26.98 -6.01 32.31
N GLU F 108 26.25 -6.06 33.45
CA GLU F 108 25.97 -4.90 34.29
C GLU F 108 27.21 -4.71 35.15
N LYS F 109 27.77 -3.49 35.05
CA LYS F 109 29.09 -3.15 35.57
C LYS F 109 29.31 -3.81 36.93
N SER F 110 30.33 -4.68 37.05
CA SER F 110 30.59 -5.36 38.32
C SER F 110 31.25 -4.42 39.31
N ASN F 111 31.21 -4.81 40.59
CA ASN F 111 31.82 -3.99 41.63
C ASN F 111 33.34 -4.00 41.48
N GLY F 112 33.89 -5.05 40.90
CA GLY F 112 35.31 -5.11 40.70
C GLY F 112 35.96 -5.96 41.77
N THR F 113 37.28 -6.03 41.68
CA THR F 113 38.06 -6.76 42.64
C THR F 113 39.40 -6.03 42.76
N ILE F 114 39.72 -5.67 44.00
CA ILE F 114 40.98 -5.03 44.32
C ILE F 114 42.03 -6.11 44.43
N ILE F 115 43.05 -6.08 43.57
CA ILE F 115 44.12 -7.05 43.65
C ILE F 115 45.35 -6.37 44.23
N HIS F 116 45.78 -6.80 45.43
CA HIS F 116 47.02 -6.29 46.02
C HIS F 116 48.13 -7.27 45.67
N VAL F 117 49.09 -6.89 44.82
CA VAL F 117 50.24 -7.74 44.55
C VAL F 117 51.39 -7.50 45.54
N LYS F 118 51.75 -8.51 46.37
CA LYS F 118 52.69 -8.33 47.48
C LYS F 118 54.08 -8.90 47.14
#